data_8YW7
#
_entry.id   8YW7
#
_cell.length_a   48.788
_cell.length_b   112.822
_cell.length_c   134.128
_cell.angle_alpha   90.000
_cell.angle_beta   90.000
_cell.angle_gamma   90.000
#
_symmetry.space_group_name_H-M   'P 21 21 21'
#
loop_
_entity.id
_entity.type
_entity.pdbx_description
1 polymer CylI
2 non-polymer 5-[(2~{S},7~{R})-7-chloranyl-2-methyl-octyl]benzene-1,3-diol
3 water water
#
_entity_poly.entity_id   1
_entity_poly.type   'polypeptide(L)'
_entity_poly.pdbx_seq_one_letter_code
;MGSSHHHHHHSSGENLYFQGHMTYIVSTSTAFPENYYPQTVLAAALRRFFTVMELDFDLEQIDRFFTNVKIDGRYFALPL
DSLLDPPTWGVSISRGLENSLNLAETAITKLLEKTNVQPQDISLLASVSMTPAIPSLDGRLMNRIPFSSTLKRLPMNGVG
CMGGAFGISRVADYLKAHPKEAAILFAVEISSALWQGSLQANLTSLIRRLPENPSLYSEIIMDIITAALFADGCGAVLMV
GKEHPLAKSGLPQVIDNRSFLVPNTVELMGLDVVDNGFRNILRPEVSDALKQGLRPLINGLLADNNIESENLYRWIVHPG
GPKVIDTVEAEFGLDSQTLQLSRDTLAEVGNISSATVLYMLDKVLSEEQSPPDSYGLIVAMGPGLAQEAILLKW
;
_entity_poly.pdbx_strand_id   A,B
#
loop_
_chem_comp.id
_chem_comp.type
_chem_comp.name
_chem_comp.formula
A1D7F non-polymer 5-[(2~{S},7~{R})-7-chloranyl-2-methyl-octyl]benzene-1,3-diol 'C15 H23 Cl O2'
#
# COMPACT_ATOMS: atom_id res chain seq x y z
N THR A 23 -3.44 2.20 24.88
CA THR A 23 -4.06 2.74 23.67
C THR A 23 -5.58 2.53 23.65
N TYR A 24 -6.33 3.60 23.36
CA TYR A 24 -7.78 3.60 23.51
C TYR A 24 -8.47 3.82 22.17
N ILE A 25 -9.53 3.06 21.92
CA ILE A 25 -10.45 3.31 20.83
C ILE A 25 -11.52 4.29 21.36
N VAL A 26 -11.56 5.50 20.80
CA VAL A 26 -12.44 6.54 21.31
C VAL A 26 -13.78 6.56 20.58
N SER A 27 -13.79 6.38 19.25
CA SER A 27 -15.03 6.49 18.50
C SER A 27 -14.84 5.86 17.13
N THR A 28 -15.99 5.68 16.45
CA THR A 28 -16.01 5.04 15.14
C THR A 28 -17.04 5.75 14.29
N SER A 29 -16.96 5.51 12.98
CA SER A 29 -17.96 6.00 12.05
C SER A 29 -17.93 5.12 10.81
N THR A 30 -18.96 5.25 9.99
CA THR A 30 -19.04 4.54 8.71
C THR A 30 -19.53 5.49 7.63
N ALA A 31 -19.30 5.11 6.37
CA ALA A 31 -19.87 5.83 5.24
C ALA A 31 -20.18 4.85 4.12
N PHE A 32 -21.36 4.99 3.53
CA PHE A 32 -21.81 4.13 2.44
C PHE A 32 -22.27 4.95 1.25
N PRO A 33 -22.23 4.38 0.05
CA PRO A 33 -22.75 5.09 -1.14
C PRO A 33 -24.28 5.14 -1.13
N GLU A 34 -24.83 5.88 -2.09
CA GLU A 34 -26.24 6.21 -2.03
C GLU A 34 -27.12 5.00 -2.38
N ASN A 35 -26.64 4.08 -3.21
CA ASN A 35 -27.45 3.03 -3.80
C ASN A 35 -27.26 1.72 -3.04
N TYR A 36 -28.31 1.31 -2.30
CA TYR A 36 -28.41 0.01 -1.66
C TYR A 36 -29.28 -0.88 -2.55
N TYR A 37 -28.74 -2.03 -2.95
CA TYR A 37 -29.40 -2.98 -3.85
C TYR A 37 -29.78 -4.24 -3.11
N PRO A 38 -31.05 -4.66 -3.13
CA PRO A 38 -31.39 -5.98 -2.58
C PRO A 38 -30.63 -7.07 -3.29
N GLN A 39 -30.27 -8.12 -2.53
CA GLN A 39 -29.50 -9.20 -3.11
C GLN A 39 -30.24 -9.80 -4.30
N THR A 40 -31.58 -9.85 -4.22
CA THR A 40 -32.35 -10.41 -5.32
C THR A 40 -32.25 -9.55 -6.57
N VAL A 41 -32.16 -8.23 -6.41
CA VAL A 41 -31.94 -7.36 -7.58
C VAL A 41 -30.58 -7.66 -8.20
N LEU A 42 -29.55 -7.83 -7.37
CA LEU A 42 -28.21 -8.11 -7.90
C LEU A 42 -28.17 -9.44 -8.62
N ALA A 43 -28.77 -10.48 -8.02
CA ALA A 43 -28.82 -11.79 -8.67
C ALA A 43 -29.55 -11.69 -10.01
N ALA A 44 -30.66 -10.96 -10.06
CA ALA A 44 -31.41 -10.81 -11.30
C ALA A 44 -30.59 -10.14 -12.37
N ALA A 45 -29.85 -9.08 -12.00
CA ALA A 45 -29.00 -8.39 -12.97
C ALA A 45 -27.97 -9.34 -13.58
N LEU A 46 -27.33 -10.18 -12.77
CA LEU A 46 -26.36 -11.12 -13.31
C LEU A 46 -27.04 -12.17 -14.18
N ARG A 47 -28.24 -12.62 -13.81
CA ARG A 47 -28.98 -13.54 -14.66
C ARG A 47 -29.33 -12.90 -16.00
N ARG A 48 -29.71 -11.61 -15.99
CA ARG A 48 -29.90 -10.90 -17.24
C ARG A 48 -28.65 -10.98 -18.11
N PHE A 49 -27.47 -10.82 -17.48
CA PHE A 49 -26.23 -10.86 -18.24
C PHE A 49 -26.02 -12.22 -18.89
N PHE A 50 -26.22 -13.30 -18.12
CA PHE A 50 -26.07 -14.64 -18.68
C PHE A 50 -27.06 -14.85 -19.82
N THR A 51 -28.29 -14.33 -19.66
CA THR A 51 -29.34 -14.52 -20.65
C THR A 51 -29.02 -13.80 -21.96
N VAL A 52 -28.59 -12.54 -21.86
CA VAL A 52 -28.31 -11.75 -23.05
C VAL A 52 -27.13 -12.33 -23.83
N MET A 53 -26.09 -12.75 -23.10
CA MET A 53 -24.89 -13.32 -23.70
C MET A 53 -25.05 -14.80 -24.04
N GLU A 54 -26.22 -15.38 -23.80
CA GLU A 54 -26.50 -16.78 -24.14
C GLU A 54 -25.46 -17.71 -23.55
N LEU A 55 -25.11 -17.48 -22.28
CA LEU A 55 -24.13 -18.31 -21.61
C LEU A 55 -24.79 -19.59 -21.11
N ASP A 56 -24.21 -20.73 -21.45
CA ASP A 56 -24.81 -22.02 -21.11
C ASP A 56 -24.38 -22.41 -19.70
N PHE A 57 -25.23 -22.06 -18.74
CA PHE A 57 -24.98 -22.40 -17.34
C PHE A 57 -26.29 -22.34 -16.58
N ASP A 58 -26.44 -23.22 -15.60
CA ASP A 58 -27.62 -23.21 -14.77
C ASP A 58 -27.75 -21.89 -14.02
N LEU A 59 -28.82 -21.15 -14.31
CA LEU A 59 -29.01 -19.86 -13.66
C LEU A 59 -29.42 -20.02 -12.20
N GLU A 60 -29.99 -21.16 -11.84
CA GLU A 60 -30.28 -21.43 -10.44
C GLU A 60 -29.00 -21.49 -9.62
N GLN A 61 -27.85 -21.73 -10.25
CA GLN A 61 -26.58 -21.64 -9.52
C GLN A 61 -26.31 -20.21 -9.07
N ILE A 62 -26.61 -19.22 -9.92
CA ILE A 62 -26.49 -17.83 -9.52
C ILE A 62 -27.37 -17.56 -8.31
N ASP A 63 -28.64 -17.96 -8.38
CA ASP A 63 -29.58 -17.71 -7.31
C ASP A 63 -29.15 -18.41 -6.03
N ARG A 64 -28.69 -19.66 -6.16
CA ARG A 64 -28.31 -20.45 -5.01
C ARG A 64 -27.16 -19.82 -4.25
N PHE A 65 -26.13 -19.35 -4.96
CA PHE A 65 -24.97 -18.76 -4.31
C PHE A 65 -25.30 -17.38 -3.75
N PHE A 66 -26.10 -16.58 -4.46
CA PHE A 66 -26.49 -15.28 -3.93
C PHE A 66 -27.37 -15.43 -2.69
N THR A 67 -28.19 -16.49 -2.62
CA THR A 67 -28.95 -16.74 -1.41
C THR A 67 -28.09 -17.31 -0.29
N ASN A 68 -27.18 -18.22 -0.62
CA ASN A 68 -26.47 -18.99 0.39
C ASN A 68 -25.39 -18.19 1.11
N VAL A 69 -24.92 -17.09 0.52
CA VAL A 69 -24.00 -16.22 1.23
C VAL A 69 -24.69 -15.45 2.35
N LYS A 70 -26.02 -15.49 2.40
CA LYS A 70 -26.82 -14.92 3.48
C LYS A 70 -26.58 -13.41 3.60
N ILE A 71 -26.81 -12.73 2.48
CA ILE A 71 -26.72 -11.28 2.37
C ILE A 71 -28.07 -10.79 1.89
N ASP A 72 -28.64 -9.81 2.61
CA ASP A 72 -29.94 -9.28 2.23
C ASP A 72 -29.84 -8.18 1.18
N GLY A 73 -28.76 -7.41 1.20
CA GLY A 73 -28.51 -6.40 0.19
C GLY A 73 -27.11 -5.84 0.37
N ARG A 74 -26.67 -5.07 -0.63
CA ARG A 74 -25.33 -4.52 -0.64
C ARG A 74 -25.35 -3.13 -1.26
N TYR A 75 -24.41 -2.29 -0.83
CA TYR A 75 -24.20 -0.98 -1.42
C TYR A 75 -23.17 -1.10 -2.54
N PHE A 76 -23.50 -0.56 -3.72
CA PHE A 76 -22.58 -0.47 -4.85
C PHE A 76 -22.37 1.01 -5.17
N ALA A 77 -21.14 1.50 -5.01
CA ALA A 77 -20.85 2.88 -5.38
C ALA A 77 -20.84 3.07 -6.89
N LEU A 78 -20.46 2.04 -7.65
CA LEU A 78 -20.36 2.11 -9.10
C LEU A 78 -21.62 1.52 -9.74
N PRO A 79 -21.93 1.89 -10.99
CA PRO A 79 -23.27 1.60 -11.52
C PRO A 79 -23.51 0.12 -11.81
N LEU A 80 -24.77 -0.27 -11.70
CA LEU A 80 -25.23 -1.57 -12.17
C LEU A 80 -25.95 -1.48 -13.50
N ASP A 81 -26.51 -0.31 -13.84
CA ASP A 81 -27.32 -0.14 -15.04
C ASP A 81 -26.53 -0.37 -16.33
N SER A 82 -25.20 -0.31 -16.28
CA SER A 82 -24.36 -0.45 -17.47
C SER A 82 -23.68 -1.81 -17.51
N LEU A 83 -24.29 -2.82 -16.88
CA LEU A 83 -23.64 -4.12 -16.74
C LEU A 83 -23.37 -4.76 -18.10
N LEU A 84 -24.30 -4.60 -19.04
CA LEU A 84 -24.12 -5.16 -20.37
C LEU A 84 -23.23 -4.30 -21.26
N ASP A 85 -23.06 -3.02 -20.93
CA ASP A 85 -22.22 -2.10 -21.70
C ASP A 85 -21.29 -1.35 -20.74
N PRO A 86 -20.26 -2.03 -20.22
CA PRO A 86 -19.42 -1.39 -19.22
C PRO A 86 -18.58 -0.28 -19.83
N PRO A 87 -18.29 0.78 -19.06
CA PRO A 87 -17.38 1.81 -19.56
C PRO A 87 -15.94 1.34 -19.58
N THR A 88 -15.02 2.21 -19.98
CA THR A 88 -13.63 1.81 -20.08
C THR A 88 -13.02 1.59 -18.69
N TRP A 89 -11.90 0.84 -18.68
CA TRP A 89 -11.20 0.57 -17.44
C TRP A 89 -10.71 1.85 -16.78
N GLY A 90 -10.17 2.79 -17.58
CA GLY A 90 -9.68 4.04 -17.01
C GLY A 90 -10.76 4.83 -16.32
N VAL A 91 -11.96 4.87 -16.91
CA VAL A 91 -13.07 5.61 -16.31
C VAL A 91 -13.55 4.94 -15.03
N SER A 92 -13.59 3.60 -15.02
CA SER A 92 -13.99 2.88 -13.81
C SER A 92 -13.01 3.11 -12.66
N ILE A 93 -11.71 3.10 -12.95
CA ILE A 93 -10.72 3.40 -11.91
C ILE A 93 -10.90 4.82 -11.40
N SER A 94 -11.18 5.76 -12.30
CA SER A 94 -11.38 7.14 -11.89
C SER A 94 -12.58 7.28 -10.96
N ARG A 95 -13.71 6.64 -11.31
CA ARG A 95 -14.88 6.72 -10.43
C ARG A 95 -14.60 6.00 -9.11
N GLY A 96 -13.93 4.86 -9.15
CA GLY A 96 -13.63 4.15 -7.91
C GLY A 96 -12.76 4.99 -6.98
N LEU A 97 -11.78 5.70 -7.54
CA LEU A 97 -10.94 6.61 -6.76
C LEU A 97 -11.77 7.73 -6.14
N GLU A 98 -12.64 8.34 -6.94
CA GLU A 98 -13.49 9.43 -6.46
C GLU A 98 -14.46 8.94 -5.38
N ASN A 99 -15.07 7.78 -5.59
CA ASN A 99 -15.98 7.27 -4.56
C ASN A 99 -15.23 6.92 -3.28
N SER A 100 -14.04 6.33 -3.41
CA SER A 100 -13.25 6.00 -2.21
C SER A 100 -12.95 7.26 -1.41
N LEU A 101 -12.51 8.31 -2.10
CA LEU A 101 -12.23 9.58 -1.46
C LEU A 101 -13.48 10.15 -0.80
N ASN A 102 -14.62 10.10 -1.48
CA ASN A 102 -15.85 10.69 -0.94
C ASN A 102 -16.29 9.98 0.32
N LEU A 103 -16.32 8.65 0.29
CA LEU A 103 -16.72 7.88 1.46
C LEU A 103 -15.75 8.14 2.62
N ALA A 104 -14.45 8.14 2.32
CA ALA A 104 -13.45 8.36 3.37
C ALA A 104 -13.60 9.74 3.99
N GLU A 105 -13.79 10.76 3.16
CA GLU A 105 -14.01 12.11 3.69
C GLU A 105 -15.26 12.16 4.57
N THR A 106 -16.34 11.55 4.11
CA THR A 106 -17.58 11.57 4.89
C THR A 106 -17.37 10.90 6.25
N ALA A 107 -16.75 9.72 6.26
CA ALA A 107 -16.55 9.02 7.51
C ALA A 107 -15.64 9.80 8.45
N ILE A 108 -14.56 10.35 7.91
CA ILE A 108 -13.64 11.09 8.76
C ILE A 108 -14.31 12.33 9.34
N THR A 109 -15.08 13.05 8.52
CA THR A 109 -15.74 14.26 9.00
C THR A 109 -16.78 13.93 10.08
N LYS A 110 -17.52 12.83 9.90
CA LYS A 110 -18.44 12.39 10.96
C LYS A 110 -17.69 12.08 12.25
N LEU A 111 -16.53 11.43 12.12
CA LEU A 111 -15.73 11.06 13.29
C LEU A 111 -15.26 12.30 14.04
N LEU A 112 -14.66 13.26 13.32
CA LEU A 112 -14.18 14.46 13.98
C LEU A 112 -15.34 15.22 14.62
N GLU A 113 -16.47 15.30 13.94
CA GLU A 113 -17.61 16.04 14.48
C GLU A 113 -18.16 15.39 15.73
N LYS A 114 -18.41 14.07 15.69
CA LYS A 114 -19.00 13.45 16.87
C LYS A 114 -18.08 13.50 18.08
N THR A 115 -16.76 13.59 17.87
CA THR A 115 -15.80 13.66 18.97
C THR A 115 -15.31 15.08 19.25
N ASN A 116 -15.74 16.08 18.48
CA ASN A 116 -15.32 17.48 18.65
C ASN A 116 -13.81 17.63 18.60
N VAL A 117 -13.17 16.92 17.67
CA VAL A 117 -11.73 16.98 17.48
C VAL A 117 -11.44 17.77 16.20
N GLN A 118 -10.47 18.67 16.27
CA GLN A 118 -10.07 19.42 15.09
C GLN A 118 -9.07 18.63 14.27
N PRO A 119 -9.14 18.71 12.94
CA PRO A 119 -8.18 17.97 12.08
C PRO A 119 -6.74 18.26 12.39
N GLN A 120 -6.42 19.52 12.69
CA GLN A 120 -5.06 19.91 13.02
C GLN A 120 -4.54 19.21 14.26
N ASP A 121 -5.42 18.63 15.07
CA ASP A 121 -5.01 17.89 16.26
C ASP A 121 -4.89 16.38 16.03
N ILE A 122 -4.90 15.92 14.78
CA ILE A 122 -4.65 14.52 14.44
C ILE A 122 -3.18 14.37 14.05
N SER A 123 -2.44 13.47 14.72
CA SER A 123 -1.02 13.32 14.42
C SER A 123 -0.75 12.32 13.31
N LEU A 124 -1.61 11.31 13.16
CA LEU A 124 -1.41 10.21 12.22
C LEU A 124 -2.73 9.89 11.52
N LEU A 125 -2.69 9.76 10.20
CA LEU A 125 -3.83 9.31 9.39
C LEU A 125 -3.44 8.02 8.70
N ALA A 126 -4.08 6.92 9.08
CA ALA A 126 -3.76 5.60 8.55
C ALA A 126 -4.90 5.16 7.64
N SER A 127 -4.55 4.51 6.52
CA SER A 127 -5.53 4.12 5.51
C SER A 127 -5.27 2.69 5.04
N VAL A 128 -6.35 2.00 4.67
CA VAL A 128 -6.25 0.72 3.95
C VAL A 128 -7.29 0.72 2.84
N SER A 129 -6.90 0.31 1.64
CA SER A 129 -7.79 0.22 0.49
C SER A 129 -7.05 -0.46 -0.63
N MET A 130 -7.75 -1.32 -1.36
CA MET A 130 -7.22 -1.86 -2.60
C MET A 130 -7.42 -0.94 -3.79
N THR A 131 -8.08 0.20 -3.62
CA THR A 131 -8.26 1.12 -4.73
C THR A 131 -6.90 1.63 -5.19
N PRO A 132 -6.56 1.53 -6.48
CA PRO A 132 -5.28 2.07 -6.95
C PRO A 132 -5.19 3.56 -6.65
N ALA A 133 -4.16 3.96 -5.90
CA ALA A 133 -4.02 5.37 -5.56
C ALA A 133 -2.54 5.68 -5.31
N ILE A 134 -1.93 6.38 -6.27
CA ILE A 134 -0.57 6.90 -6.11
C ILE A 134 -0.59 8.35 -6.60
N PRO A 135 -0.62 9.34 -5.71
CA PRO A 135 -0.51 9.18 -4.24
C PRO A 135 -1.72 8.53 -3.56
N SER A 136 -1.50 8.07 -2.33
CA SER A 136 -2.48 7.29 -1.56
C SER A 136 -3.70 8.14 -1.20
N LEU A 137 -4.77 7.44 -0.77
CA LEU A 137 -6.02 8.11 -0.45
C LEU A 137 -5.83 9.11 0.69
N ASP A 138 -5.01 8.76 1.69
CA ASP A 138 -4.80 9.65 2.84
C ASP A 138 -4.09 10.94 2.44
N GLY A 139 -3.12 10.87 1.51
CA GLY A 139 -2.54 12.10 1.01
C GLY A 139 -3.55 12.97 0.29
N ARG A 140 -4.38 12.36 -0.55
CA ARG A 140 -5.37 13.15 -1.29
C ARG A 140 -6.37 13.81 -0.34
N LEU A 141 -6.73 13.13 0.75
CA LEU A 141 -7.72 13.71 1.67
C LEU A 141 -7.22 14.97 2.34
N MET A 142 -5.89 15.15 2.39
CA MET A 142 -5.33 16.35 2.98
C MET A 142 -5.71 17.62 2.23
N ASN A 143 -6.18 17.50 0.99
CA ASN A 143 -6.73 18.64 0.27
C ASN A 143 -8.23 18.82 0.48
N ARG A 144 -8.88 17.89 1.18
CA ARG A 144 -10.31 18.01 1.46
C ARG A 144 -10.61 18.31 2.92
N ILE A 145 -9.70 17.98 3.83
CA ILE A 145 -9.88 18.19 5.26
C ILE A 145 -8.63 18.95 5.74
N PRO A 146 -8.77 20.00 6.55
CA PRO A 146 -7.62 20.87 6.88
C PRO A 146 -6.66 20.25 7.90
N PHE A 147 -6.19 19.04 7.62
CA PHE A 147 -5.11 18.45 8.39
C PHE A 147 -3.86 19.32 8.28
N SER A 148 -3.02 19.22 9.30
CA SER A 148 -1.75 19.91 9.26
C SER A 148 -0.86 19.35 8.14
N SER A 149 -0.04 20.24 7.55
CA SER A 149 0.77 19.82 6.41
C SER A 149 1.83 18.79 6.80
N THR A 150 2.17 18.69 8.10
CA THR A 150 3.12 17.70 8.58
C THR A 150 2.42 16.48 9.17
N LEU A 151 1.16 16.26 8.80
CA LEU A 151 0.47 15.04 9.16
C LEU A 151 1.32 13.82 8.81
N LYS A 152 1.46 12.90 9.77
CA LYS A 152 2.04 11.59 9.50
C LYS A 152 1.00 10.69 8.86
N ARG A 153 1.42 9.89 7.88
CA ARG A 153 0.50 9.03 7.16
C ARG A 153 1.01 7.60 7.19
N LEU A 154 0.07 6.67 7.19
CA LEU A 154 0.39 5.24 7.20
C LEU A 154 -0.52 4.60 6.16
N PRO A 155 -0.14 4.70 4.89
CA PRO A 155 -0.96 4.12 3.82
C PRO A 155 -0.63 2.67 3.59
N MET A 156 -1.56 1.78 3.87
CA MET A 156 -1.25 0.36 3.79
C MET A 156 -2.06 -0.28 2.66
N ASN A 157 -1.54 -1.40 2.15
CA ASN A 157 -2.21 -2.15 1.09
C ASN A 157 -1.64 -3.57 1.07
N GLY A 158 -2.10 -4.36 0.11
CA GLY A 158 -1.68 -5.74 0.05
C GLY A 158 -2.26 -6.62 1.14
N VAL A 159 -3.28 -6.16 1.88
CA VAL A 159 -3.86 -6.93 2.97
C VAL A 159 -5.33 -7.29 2.78
N GLY A 160 -6.01 -6.74 1.76
CA GLY A 160 -7.36 -7.19 1.43
C GLY A 160 -8.33 -7.14 2.59
N CYS A 161 -9.10 -8.22 2.77
CA CYS A 161 -10.14 -8.26 3.79
C CYS A 161 -9.59 -8.10 5.21
N MET A 162 -8.31 -8.35 5.42
CA MET A 162 -7.76 -8.24 6.76
C MET A 162 -7.47 -6.78 7.16
N GLY A 163 -7.70 -5.82 6.26
CA GLY A 163 -7.10 -4.50 6.40
C GLY A 163 -7.56 -3.72 7.61
N GLY A 164 -8.84 -3.83 7.96
CA GLY A 164 -9.38 -3.09 9.09
C GLY A 164 -8.75 -3.51 10.41
N ALA A 165 -8.77 -4.82 10.67
CA ALA A 165 -8.10 -5.35 11.85
C ALA A 165 -6.61 -5.02 11.81
N PHE A 166 -5.99 -5.26 10.65
CA PHE A 166 -4.56 -5.00 10.47
C PHE A 166 -4.23 -3.55 10.81
N GLY A 167 -5.06 -2.63 10.35
CA GLY A 167 -4.77 -1.21 10.55
C GLY A 167 -4.87 -0.80 12.01
N ILE A 168 -5.86 -1.36 12.71
CA ILE A 168 -6.00 -1.11 14.14
C ILE A 168 -4.73 -1.52 14.88
N SER A 169 -4.18 -2.71 14.55
CA SER A 169 -2.96 -3.16 15.21
C SER A 169 -1.80 -2.21 14.94
N ARG A 170 -1.66 -1.74 13.69
CA ARG A 170 -0.54 -0.87 13.36
C ARG A 170 -0.66 0.48 14.04
N VAL A 171 -1.87 1.03 14.11
CA VAL A 171 -2.06 2.30 14.82
C VAL A 171 -1.78 2.11 16.31
N ALA A 172 -2.26 1.00 16.89
CA ALA A 172 -1.98 0.75 18.30
C ALA A 172 -0.48 0.71 18.56
N ASP A 173 0.27 0.01 17.69
CA ASP A 173 1.72 -0.05 17.86
C ASP A 173 2.35 1.34 17.80
N TYR A 174 1.89 2.19 16.87
CA TYR A 174 2.37 3.57 16.82
C TYR A 174 2.04 4.31 18.11
N LEU A 175 0.80 4.22 18.56
CA LEU A 175 0.41 5.03 19.72
C LEU A 175 1.10 4.56 20.99
N LYS A 176 1.65 3.35 21.02
CA LYS A 176 2.46 2.91 22.16
C LYS A 176 3.64 3.85 22.38
N ALA A 177 4.21 4.39 21.30
CA ALA A 177 5.34 5.30 21.36
C ALA A 177 4.93 6.77 21.43
N HIS A 178 3.65 7.07 21.27
CA HIS A 178 3.15 8.45 21.21
C HIS A 178 1.90 8.57 22.08
N PRO A 179 2.07 8.46 23.40
CA PRO A 179 0.90 8.40 24.29
C PRO A 179 0.08 9.67 24.33
N LYS A 180 0.61 10.78 23.83
CA LYS A 180 -0.14 12.01 23.84
C LYS A 180 -0.97 12.22 22.57
N GLU A 181 -0.81 11.38 21.55
CA GLU A 181 -1.30 11.72 20.23
C GLU A 181 -2.64 11.05 19.91
N ALA A 182 -3.29 11.56 18.87
CA ALA A 182 -4.53 11.01 18.32
C ALA A 182 -4.27 10.58 16.87
N ALA A 183 -4.86 9.45 16.48
CA ALA A 183 -4.76 8.90 15.14
C ALA A 183 -6.14 8.53 14.61
N ILE A 184 -6.31 8.63 13.30
CA ILE A 184 -7.50 8.16 12.62
C ILE A 184 -7.08 7.05 11.66
N LEU A 185 -7.79 5.93 11.70
CA LEU A 185 -7.67 4.88 10.68
C LEU A 185 -8.96 4.84 9.88
N PHE A 186 -8.85 4.71 8.56
CA PHE A 186 -10.01 4.41 7.75
C PHE A 186 -9.70 3.29 6.78
N ALA A 187 -10.76 2.51 6.47
CA ALA A 187 -10.75 1.45 5.48
C ALA A 187 -11.89 1.69 4.50
N VAL A 188 -11.61 1.63 3.19
CA VAL A 188 -12.64 1.81 2.18
C VAL A 188 -12.36 0.87 1.02
N GLU A 189 -13.41 0.22 0.50
CA GLU A 189 -13.25 -0.65 -0.65
C GLU A 189 -14.43 -0.45 -1.59
N ILE A 190 -14.15 -0.50 -2.89
CA ILE A 190 -15.19 -0.43 -3.90
C ILE A 190 -15.25 -1.79 -4.60
N SER A 191 -15.98 -2.74 -4.01
CA SER A 191 -16.04 -4.06 -4.62
C SER A 191 -16.76 -4.02 -5.95
N SER A 192 -17.67 -3.05 -6.12
CA SER A 192 -18.46 -2.95 -7.33
C SER A 192 -17.61 -2.69 -8.56
N ALA A 193 -16.34 -2.29 -8.38
CA ALA A 193 -15.43 -2.21 -9.51
C ALA A 193 -15.35 -3.53 -10.26
N LEU A 194 -15.52 -4.66 -9.56
CA LEU A 194 -15.61 -5.99 -10.15
C LEU A 194 -16.67 -6.07 -11.25
N TRP A 195 -17.74 -5.31 -11.09
CA TRP A 195 -18.90 -5.43 -11.96
C TRP A 195 -18.83 -4.53 -13.18
N GLN A 196 -17.72 -3.81 -13.36
CA GLN A 196 -17.55 -2.88 -14.47
C GLN A 196 -16.83 -3.53 -15.65
N GLY A 197 -16.88 -4.85 -15.75
CA GLY A 197 -16.29 -5.56 -16.88
C GLY A 197 -15.55 -6.82 -16.51
N SER A 198 -14.86 -6.83 -15.36
CA SER A 198 -14.01 -7.96 -15.01
C SER A 198 -14.82 -9.25 -14.88
N LEU A 199 -15.89 -9.22 -14.08
CA LEU A 199 -16.71 -10.41 -13.92
C LEU A 199 -17.38 -10.80 -15.24
N GLN A 200 -17.86 -9.81 -16.00
CA GLN A 200 -18.54 -10.11 -17.26
C GLN A 200 -17.63 -10.85 -18.21
N ALA A 201 -16.43 -10.31 -18.46
CA ALA A 201 -15.50 -10.95 -19.37
C ALA A 201 -15.10 -12.33 -18.90
N ASN A 202 -14.69 -12.44 -17.63
CA ASN A 202 -14.17 -13.71 -17.13
C ASN A 202 -15.23 -14.79 -17.17
N LEU A 203 -16.47 -14.46 -16.76
CA LEU A 203 -17.52 -15.48 -16.75
C LEU A 203 -17.86 -15.93 -18.17
N THR A 204 -17.92 -14.99 -19.11
CA THR A 204 -18.21 -15.33 -20.49
C THR A 204 -17.17 -16.28 -21.04
N SER A 205 -15.89 -15.96 -20.86
CA SER A 205 -14.82 -16.81 -21.38
C SER A 205 -14.82 -18.18 -20.73
N LEU A 206 -14.97 -18.22 -19.40
CA LEU A 206 -14.89 -19.50 -18.70
C LEU A 206 -16.06 -20.41 -19.10
N ILE A 207 -17.27 -19.85 -19.17
CA ILE A 207 -18.44 -20.67 -19.49
C ILE A 207 -18.35 -21.19 -20.92
N ARG A 208 -17.82 -20.37 -21.83
CA ARG A 208 -17.70 -20.77 -23.23
C ARG A 208 -16.67 -21.88 -23.43
N ARG A 209 -15.59 -21.87 -22.65
CA ARG A 209 -14.58 -22.92 -22.74
C ARG A 209 -14.93 -24.16 -21.90
N LEU A 210 -15.99 -24.10 -21.11
CA LEU A 210 -16.32 -25.20 -20.20
C LEU A 210 -16.55 -26.51 -20.92
N SER A 215 -12.96 -28.76 -16.15
CA SER A 215 -12.11 -28.37 -15.02
C SER A 215 -12.33 -26.89 -14.67
N LEU A 216 -12.96 -26.17 -15.58
CA LEU A 216 -13.25 -24.75 -15.38
C LEU A 216 -14.53 -24.50 -14.60
N TYR A 217 -15.23 -25.55 -14.19
CA TYR A 217 -16.47 -25.35 -13.43
C TYR A 217 -16.19 -24.62 -12.12
N SER A 218 -15.12 -24.99 -11.43
CA SER A 218 -14.77 -24.35 -10.17
C SER A 218 -14.40 -22.89 -10.36
N GLU A 219 -13.80 -22.53 -11.50
CA GLU A 219 -13.49 -21.13 -11.75
C GLU A 219 -14.76 -20.29 -11.89
N ILE A 220 -15.76 -20.83 -12.60
CA ILE A 220 -17.03 -20.12 -12.75
C ILE A 220 -17.71 -19.96 -11.39
N ILE A 221 -17.69 -21.02 -10.57
CA ILE A 221 -18.29 -20.96 -9.25
C ILE A 221 -17.63 -19.89 -8.41
N MET A 222 -16.29 -19.79 -8.47
CA MET A 222 -15.58 -18.79 -7.69
C MET A 222 -15.96 -17.38 -8.11
N ASP A 223 -16.10 -17.14 -9.42
CA ASP A 223 -16.47 -15.80 -9.86
C ASP A 223 -17.90 -15.45 -9.47
N ILE A 224 -18.82 -16.43 -9.53
CA ILE A 224 -20.20 -16.21 -9.07
C ILE A 224 -20.22 -15.91 -7.57
N ILE A 225 -19.45 -16.66 -6.79
CA ILE A 225 -19.37 -16.41 -5.35
C ILE A 225 -18.82 -15.01 -5.10
N THR A 226 -17.81 -14.60 -5.86
CA THR A 226 -17.27 -13.26 -5.71
C THR A 226 -18.34 -12.22 -5.97
N ALA A 227 -19.16 -12.45 -7.01
CA ALA A 227 -20.26 -11.54 -7.32
C ALA A 227 -21.33 -11.53 -6.24
N ALA A 228 -21.56 -12.66 -5.57
CA ALA A 228 -22.60 -12.74 -4.55
C ALA A 228 -22.17 -12.08 -3.25
N LEU A 229 -20.87 -12.03 -2.97
CA LEU A 229 -20.33 -11.77 -1.64
C LEU A 229 -19.97 -10.30 -1.38
N PHE A 230 -19.26 -9.65 -2.30
CA PHE A 230 -18.49 -8.46 -1.96
C PHE A 230 -19.25 -7.17 -2.25
N ALA A 231 -19.08 -6.19 -1.37
CA ALA A 231 -19.88 -4.96 -1.39
C ALA A 231 -18.97 -3.77 -1.09
N ASP A 232 -19.56 -2.58 -1.07
CA ASP A 232 -18.81 -1.34 -0.92
C ASP A 232 -19.09 -0.71 0.44
N GLY A 233 -18.09 -0.02 0.97
CA GLY A 233 -18.33 0.79 2.15
C GLY A 233 -17.04 1.28 2.77
N CYS A 234 -17.21 2.07 3.82
CA CYS A 234 -16.07 2.68 4.50
C CYS A 234 -16.28 2.69 6.00
N GLY A 235 -15.21 2.51 6.76
CA GLY A 235 -15.26 2.69 8.19
C GLY A 235 -14.06 3.48 8.69
N ALA A 236 -14.23 4.11 9.85
CA ALA A 236 -13.16 4.92 10.42
C ALA A 236 -13.15 4.79 11.94
N VAL A 237 -11.97 4.91 12.53
CA VAL A 237 -11.83 4.78 13.97
C VAL A 237 -10.87 5.84 14.46
N LEU A 238 -11.20 6.46 15.59
CA LEU A 238 -10.33 7.40 16.26
C LEU A 238 -9.69 6.68 17.43
N MET A 239 -8.37 6.67 17.48
CA MET A 239 -7.61 6.05 18.57
C MET A 239 -6.63 7.05 19.16
N VAL A 240 -6.48 7.01 20.49
CA VAL A 240 -5.59 7.91 21.20
C VAL A 240 -4.71 7.12 22.16
N GLY A 241 -3.51 7.66 22.43
CA GLY A 241 -2.64 7.10 23.43
C GLY A 241 -3.12 7.41 24.85
N LYS A 242 -2.44 6.79 25.82
CA LYS A 242 -2.95 6.81 27.20
C LYS A 242 -2.96 8.21 27.82
N GLU A 243 -2.09 9.11 27.34
CA GLU A 243 -2.03 10.45 27.92
C GLU A 243 -2.95 11.46 27.25
N HIS A 244 -3.60 11.09 26.14
CA HIS A 244 -4.51 12.01 25.45
C HIS A 244 -5.70 12.34 26.35
N PRO A 245 -6.21 13.58 26.29
CA PRO A 245 -7.39 13.92 27.11
C PRO A 245 -8.61 13.05 26.83
N LEU A 246 -8.76 12.53 25.62
CA LEU A 246 -9.92 11.69 25.34
C LEU A 246 -9.76 10.26 25.86
N ALA A 247 -8.60 9.90 26.41
CA ALA A 247 -8.39 8.54 26.91
C ALA A 247 -9.06 8.41 28.27
N LYS A 248 -10.27 7.86 28.29
CA LYS A 248 -11.10 7.79 29.49
C LYS A 248 -11.51 6.36 29.76
N SER A 249 -11.76 6.05 31.03
CA SER A 249 -12.18 4.70 31.39
C SER A 249 -13.57 4.41 30.81
N GLY A 250 -13.82 3.14 30.52
CA GLY A 250 -15.04 2.75 29.86
C GLY A 250 -14.95 2.75 28.34
N LEU A 251 -13.80 3.20 27.76
CA LEU A 251 -13.60 3.00 26.34
C LEU A 251 -12.81 1.72 26.12
N PRO A 252 -13.01 1.03 25.00
CA PRO A 252 -12.19 -0.15 24.72
C PRO A 252 -10.72 0.21 24.62
N GLN A 253 -9.90 -0.61 25.24
CA GLN A 253 -8.46 -0.45 25.28
C GLN A 253 -7.84 -1.58 24.46
N VAL A 254 -6.96 -1.23 23.53
CA VAL A 254 -6.18 -2.23 22.81
C VAL A 254 -5.06 -2.67 23.74
N ILE A 255 -5.15 -3.87 24.29
CA ILE A 255 -4.07 -4.29 25.19
C ILE A 255 -2.98 -5.10 24.49
N ASP A 256 -3.27 -5.75 23.35
CA ASP A 256 -2.26 -6.52 22.63
C ASP A 256 -2.82 -6.88 21.27
N ASN A 257 -1.93 -7.26 20.35
CA ASN A 257 -2.34 -7.70 19.02
C ASN A 257 -1.28 -8.62 18.45
N ARG A 258 -1.67 -9.39 17.43
CA ARG A 258 -0.75 -10.37 16.86
C ARG A 258 -1.16 -10.71 15.43
N SER A 259 -0.16 -11.06 14.64
CA SER A 259 -0.34 -11.46 13.25
C SER A 259 0.06 -12.91 13.06
N PHE A 260 -0.48 -13.52 12.00
CA PHE A 260 -0.14 -14.89 11.62
C PHE A 260 -0.31 -15.02 10.12
N LEU A 261 0.66 -15.65 9.48
CA LEU A 261 0.58 -15.97 8.06
C LEU A 261 0.78 -17.47 7.90
N VAL A 262 -0.16 -18.13 7.22
CA VAL A 262 -0.10 -19.59 7.07
C VAL A 262 0.82 -19.95 5.91
N PRO A 263 1.86 -20.75 6.15
CA PRO A 263 2.83 -21.05 5.08
C PRO A 263 2.17 -21.64 3.83
N ASN A 264 2.65 -21.17 2.68
CA ASN A 264 2.34 -21.77 1.38
C ASN A 264 0.86 -21.78 1.06
N THR A 265 0.21 -20.63 1.26
CA THR A 265 -1.20 -20.47 0.94
C THR A 265 -1.46 -19.19 0.15
N VAL A 266 -0.46 -18.66 -0.55
CA VAL A 266 -0.62 -17.41 -1.29
C VAL A 266 -1.73 -17.55 -2.33
N GLU A 267 -1.79 -18.72 -2.99
CA GLU A 267 -2.75 -18.94 -4.07
C GLU A 267 -4.19 -19.08 -3.60
N LEU A 268 -4.45 -19.13 -2.30
CA LEU A 268 -5.81 -19.39 -1.86
C LEU A 268 -6.70 -18.14 -1.82
N MET A 269 -6.11 -16.96 -1.62
CA MET A 269 -6.88 -15.72 -1.49
C MET A 269 -6.03 -14.57 -2.00
N GLY A 270 -6.66 -13.64 -2.70
CA GLY A 270 -5.98 -12.41 -3.05
C GLY A 270 -6.66 -11.75 -4.24
N LEU A 271 -5.89 -10.91 -4.93
CA LEU A 271 -6.39 -10.14 -6.06
C LEU A 271 -5.33 -10.11 -7.15
N ASP A 272 -5.65 -10.70 -8.30
CA ASP A 272 -4.73 -10.79 -9.43
C ASP A 272 -5.13 -9.79 -10.50
N VAL A 273 -4.16 -9.04 -10.98
CA VAL A 273 -4.38 -8.11 -12.09
C VAL A 273 -4.29 -8.91 -13.38
N VAL A 274 -5.34 -8.84 -14.19
CA VAL A 274 -5.42 -9.65 -15.40
C VAL A 274 -5.80 -8.77 -16.58
N GLY A 277 -8.95 -6.46 -16.61
CA GLY A 277 -8.99 -5.78 -15.34
C GLY A 277 -8.35 -6.58 -14.21
N PHE A 278 -9.18 -7.28 -13.44
CA PHE A 278 -8.64 -8.01 -12.31
C PHE A 278 -9.60 -9.11 -11.91
N ARG A 279 -9.10 -10.07 -11.14
CA ARG A 279 -9.90 -11.19 -10.70
C ARG A 279 -9.68 -11.39 -9.20
N ASN A 280 -10.79 -11.49 -8.46
CA ASN A 280 -10.72 -11.83 -7.05
C ASN A 280 -10.45 -13.33 -6.92
N ILE A 281 -9.47 -13.68 -6.10
CA ILE A 281 -9.16 -15.08 -5.86
C ILE A 281 -9.68 -15.43 -4.46
N LEU A 282 -10.52 -16.46 -4.39
CA LEU A 282 -11.09 -16.94 -3.14
C LEU A 282 -11.35 -18.43 -3.34
N ARG A 283 -10.37 -19.24 -2.96
CA ARG A 283 -10.49 -20.67 -3.24
C ARG A 283 -11.35 -21.36 -2.17
N PRO A 284 -12.06 -22.42 -2.55
CA PRO A 284 -12.90 -23.12 -1.57
C PRO A 284 -12.13 -23.61 -0.36
N GLU A 285 -10.84 -23.90 -0.50
CA GLU A 285 -9.99 -24.40 0.57
C GLU A 285 -9.71 -23.37 1.66
N VAL A 286 -10.08 -22.11 1.45
CA VAL A 286 -9.67 -21.04 2.38
C VAL A 286 -10.13 -21.37 3.80
N SER A 287 -11.41 -21.72 3.95
CA SER A 287 -11.95 -21.92 5.30
C SER A 287 -11.19 -23.02 6.05
N ASP A 288 -10.80 -24.08 5.34
CA ASP A 288 -10.02 -25.14 5.97
C ASP A 288 -8.61 -24.69 6.32
N ALA A 289 -7.94 -23.94 5.43
CA ALA A 289 -6.60 -23.46 5.73
C ALA A 289 -6.59 -22.45 6.88
N LEU A 290 -7.71 -21.76 7.13
CA LEU A 290 -7.81 -20.89 8.29
C LEU A 290 -7.57 -21.63 9.59
N LYS A 291 -7.97 -22.91 9.67
CA LYS A 291 -7.77 -23.68 10.89
C LYS A 291 -6.29 -23.80 11.24
N GLN A 292 -5.43 -23.74 10.23
CA GLN A 292 -3.99 -23.84 10.47
C GLN A 292 -3.43 -22.61 11.16
N GLY A 293 -4.12 -21.48 11.10
CA GLY A 293 -3.61 -20.25 11.71
C GLY A 293 -4.42 -19.77 12.90
N LEU A 294 -5.74 -19.95 12.86
CA LEU A 294 -6.63 -19.40 13.89
C LEU A 294 -6.21 -19.73 15.32
N ARG A 295 -6.19 -21.02 15.67
CA ARG A 295 -5.91 -21.34 17.06
C ARG A 295 -4.47 -21.07 17.47
N PRO A 296 -3.45 -21.37 16.65
CA PRO A 296 -2.09 -20.95 17.02
C PRO A 296 -2.00 -19.45 17.30
N LEU A 297 -2.67 -18.64 16.49
CA LEU A 297 -2.62 -17.19 16.66
C LEU A 297 -3.33 -16.75 17.94
N ILE A 298 -4.62 -17.08 18.04
CA ILE A 298 -5.44 -16.56 19.13
C ILE A 298 -5.03 -17.17 20.46
N ASN A 299 -4.79 -18.49 20.49
CA ASN A 299 -4.43 -19.12 21.75
C ASN A 299 -3.10 -18.61 22.27
N GLY A 300 -2.15 -18.37 21.37
CA GLY A 300 -0.87 -17.80 21.78
C GLY A 300 -0.99 -16.38 22.29
N LEU A 301 -1.80 -15.55 21.62
CA LEU A 301 -2.00 -14.17 22.08
C LEU A 301 -2.66 -14.14 23.47
N LEU A 302 -3.73 -14.91 23.64
CA LEU A 302 -4.44 -14.89 24.91
C LEU A 302 -3.56 -15.44 26.03
N ALA A 303 -2.87 -16.56 25.77
CA ALA A 303 -1.99 -17.13 26.79
C ALA A 303 -0.95 -16.12 27.26
N ASP A 304 -0.37 -15.37 26.33
CA ASP A 304 0.64 -14.37 26.68
C ASP A 304 0.05 -13.17 27.40
N ASN A 305 -1.28 -13.05 27.45
CA ASN A 305 -1.98 -12.06 28.26
C ASN A 305 -2.71 -12.72 29.42
N ASN A 306 -2.36 -13.98 29.72
CA ASN A 306 -2.81 -14.70 30.92
C ASN A 306 -4.32 -14.87 30.98
N ILE A 307 -4.99 -15.00 29.83
CA ILE A 307 -6.41 -15.32 29.78
C ILE A 307 -6.65 -16.41 28.74
N GLU A 308 -7.84 -17.02 28.81
CA GLU A 308 -8.26 -18.08 27.91
C GLU A 308 -9.36 -17.57 27.00
N SER A 309 -9.54 -18.22 25.85
CA SER A 309 -10.56 -17.75 24.91
C SER A 309 -11.96 -17.73 25.53
N GLU A 310 -12.23 -18.67 26.45
CA GLU A 310 -13.53 -18.70 27.09
C GLU A 310 -13.77 -17.48 27.98
N ASN A 311 -12.71 -16.76 28.38
CA ASN A 311 -12.82 -15.48 29.09
C ASN A 311 -13.42 -14.37 28.23
N LEU A 312 -13.42 -14.51 26.90
CA LEU A 312 -13.82 -13.41 26.03
C LEU A 312 -15.33 -13.19 26.12
N TYR A 313 -15.72 -11.96 26.41
CA TYR A 313 -17.13 -11.61 26.41
C TYR A 313 -17.65 -11.33 25.01
N ARG A 314 -16.85 -10.68 24.17
CA ARG A 314 -17.29 -10.27 22.84
C ARG A 314 -16.29 -10.67 21.76
N TRP A 315 -16.77 -11.39 20.74
CA TRP A 315 -16.00 -11.70 19.54
C TRP A 315 -16.42 -10.76 18.41
N ILE A 316 -15.45 -10.19 17.70
CA ILE A 316 -15.72 -9.36 16.53
C ILE A 316 -14.95 -9.98 15.36
N VAL A 317 -15.63 -10.84 14.60
CA VAL A 317 -14.96 -11.72 13.63
C VAL A 317 -15.39 -11.31 12.23
N HIS A 318 -14.41 -10.95 11.39
CA HIS A 318 -14.69 -10.60 10.01
C HIS A 318 -15.43 -11.74 9.32
N PRO A 319 -16.61 -11.47 8.71
CA PRO A 319 -17.38 -12.52 8.00
C PRO A 319 -16.92 -12.68 6.56
N GLY A 320 -15.77 -13.33 6.38
CA GLY A 320 -15.31 -13.66 5.04
C GLY A 320 -16.39 -14.39 4.26
N GLY A 321 -17.13 -15.26 4.94
CA GLY A 321 -18.29 -15.92 4.38
C GLY A 321 -18.97 -16.78 5.43
N PRO A 322 -20.13 -17.33 5.11
CA PRO A 322 -20.83 -18.19 6.08
C PRO A 322 -19.98 -19.34 6.58
N LYS A 323 -19.15 -19.92 5.72
CA LYS A 323 -18.30 -21.04 6.15
C LYS A 323 -17.14 -20.57 7.03
N VAL A 324 -16.65 -19.36 6.81
CA VAL A 324 -15.61 -18.81 7.71
C VAL A 324 -16.17 -18.64 9.11
N ILE A 325 -17.38 -18.08 9.21
CA ILE A 325 -18.02 -17.90 10.51
C ILE A 325 -18.19 -19.25 11.20
N ASP A 326 -18.69 -20.24 10.47
CA ASP A 326 -18.88 -21.58 11.04
C ASP A 326 -17.57 -22.19 11.48
N THR A 327 -16.49 -21.97 10.71
CA THR A 327 -15.22 -22.56 11.10
C THR A 327 -14.70 -21.96 12.41
N VAL A 328 -14.80 -20.64 12.56
CA VAL A 328 -14.34 -20.01 13.80
C VAL A 328 -15.13 -20.55 14.99
N GLU A 329 -16.45 -20.69 14.81
CA GLU A 329 -17.32 -21.24 15.85
C GLU A 329 -16.86 -22.62 16.26
N ALA A 330 -16.60 -23.48 15.28
CA ALA A 330 -16.20 -24.85 15.56
C ALA A 330 -14.84 -24.89 16.24
N GLU A 331 -13.86 -24.19 15.68
CA GLU A 331 -12.52 -24.21 16.24
C GLU A 331 -12.52 -23.83 17.71
N PHE A 332 -13.31 -22.83 18.09
CA PHE A 332 -13.31 -22.37 19.47
C PHE A 332 -14.50 -22.88 20.27
N GLY A 333 -15.29 -23.80 19.72
CA GLY A 333 -16.40 -24.37 20.45
C GLY A 333 -17.38 -23.34 20.96
N LEU A 334 -17.70 -22.34 20.15
CA LEU A 334 -18.56 -21.25 20.59
C LEU A 334 -20.03 -21.64 20.52
N ASP A 335 -20.85 -20.97 21.33
CA ASP A 335 -22.30 -21.08 21.17
C ASP A 335 -22.73 -20.50 19.84
N SER A 336 -23.92 -20.91 19.40
CA SER A 336 -24.48 -20.45 18.13
C SER A 336 -24.76 -18.94 18.10
N GLN A 337 -24.77 -18.28 19.25
CA GLN A 337 -25.06 -16.84 19.26
C GLN A 337 -23.80 -15.98 19.29
N THR A 338 -22.66 -16.55 19.68
CA THR A 338 -21.47 -15.76 19.98
C THR A 338 -21.00 -14.94 18.78
N LEU A 339 -21.13 -15.49 17.57
CA LEU A 339 -20.71 -14.78 16.36
C LEU A 339 -21.90 -14.18 15.60
N GLN A 340 -23.04 -13.98 16.27
CA GLN A 340 -24.21 -13.46 15.58
C GLN A 340 -23.92 -12.13 14.89
N LEU A 341 -23.04 -11.30 15.49
CA LEU A 341 -22.74 -9.99 14.91
C LEU A 341 -22.10 -10.12 13.53
N SER A 342 -21.27 -11.14 13.32
CA SER A 342 -20.74 -11.42 11.99
C SER A 342 -21.86 -11.73 11.00
N ARG A 343 -22.81 -12.58 11.41
CA ARG A 343 -23.90 -12.96 10.51
C ARG A 343 -24.83 -11.78 10.23
N ASP A 344 -25.18 -11.01 11.25
CA ASP A 344 -26.05 -9.85 11.04
C ASP A 344 -25.38 -8.84 10.12
N THR A 345 -24.08 -8.62 10.33
CA THR A 345 -23.36 -7.65 9.48
C THR A 345 -23.41 -8.08 8.02
N LEU A 346 -23.05 -9.34 7.76
CA LEU A 346 -23.12 -9.89 6.41
C LEU A 346 -24.51 -9.76 5.82
N ALA A 347 -25.54 -9.99 6.63
CA ALA A 347 -26.89 -9.81 6.12
C ALA A 347 -27.17 -8.35 5.77
N GLU A 348 -26.67 -7.42 6.58
CA GLU A 348 -27.00 -6.01 6.42
C GLU A 348 -26.28 -5.37 5.24
N VAL A 349 -24.98 -5.63 5.07
CA VAL A 349 -24.17 -4.89 4.12
C VAL A 349 -23.27 -5.76 3.26
N GLY A 350 -23.32 -7.08 3.40
CA GLY A 350 -22.43 -7.91 2.61
C GLY A 350 -21.01 -7.89 3.15
N ASN A 351 -20.09 -8.45 2.36
CA ASN A 351 -18.66 -8.43 2.73
C ASN A 351 -18.07 -7.17 2.10
N ILE A 352 -17.85 -6.16 2.94
CA ILE A 352 -17.26 -4.88 2.51
C ILE A 352 -15.78 -4.90 2.84
N SER A 353 -15.21 -6.11 2.89
CA SER A 353 -13.76 -6.32 2.86
C SER A 353 -13.14 -5.64 4.08
N SER A 354 -12.09 -4.85 3.91
CA SER A 354 -11.35 -4.28 5.03
C SER A 354 -12.24 -3.46 5.94
N ALA A 355 -13.31 -2.87 5.41
CA ALA A 355 -14.14 -2.01 6.22
C ALA A 355 -15.07 -2.78 7.17
N THR A 356 -15.24 -4.10 6.97
CA THR A 356 -16.30 -4.80 7.68
C THR A 356 -16.11 -4.75 9.19
N VAL A 357 -14.92 -5.08 9.69
CA VAL A 357 -14.75 -5.13 11.15
C VAL A 357 -14.94 -3.76 11.78
N LEU A 358 -14.64 -2.68 11.05
CA LEU A 358 -14.87 -1.35 11.62
C LEU A 358 -16.36 -1.08 11.74
N TYR A 359 -17.14 -1.45 10.71
CA TYR A 359 -18.59 -1.38 10.80
C TYR A 359 -19.09 -2.16 12.00
N MET A 360 -18.53 -3.34 12.22
CA MET A 360 -18.96 -4.18 13.35
C MET A 360 -18.57 -3.53 14.67
N LEU A 361 -17.34 -3.03 14.77
CA LEU A 361 -16.91 -2.36 15.99
C LEU A 361 -17.80 -1.17 16.27
N ASP A 362 -18.15 -0.43 15.22
CA ASP A 362 -19.10 0.67 15.33
C ASP A 362 -20.42 0.22 15.94
N LYS A 363 -20.94 -0.93 15.50
CA LYS A 363 -22.19 -1.44 16.07
C LYS A 363 -22.04 -1.72 17.56
N VAL A 364 -20.93 -2.34 17.94
CA VAL A 364 -20.70 -2.66 19.35
C VAL A 364 -20.65 -1.39 20.18
N LEU A 365 -19.86 -0.40 19.73
CA LEU A 365 -19.70 0.84 20.47
C LEU A 365 -20.99 1.65 20.50
N SER A 366 -21.81 1.54 19.46
CA SER A 366 -22.95 2.44 19.34
C SER A 366 -24.22 1.85 19.91
N GLU A 367 -24.45 0.56 19.72
CA GLU A 367 -25.73 -0.05 20.03
C GLU A 367 -25.68 -1.04 21.18
N GLU A 368 -24.50 -1.48 21.61
CA GLU A 368 -24.43 -2.59 22.55
C GLU A 368 -23.81 -2.17 23.87
N GLN A 369 -24.07 -2.97 24.89
CA GLN A 369 -23.51 -2.77 26.21
C GLN A 369 -22.34 -3.73 26.42
N SER A 370 -21.22 -3.19 26.89
CA SER A 370 -20.04 -3.99 27.18
C SER A 370 -19.76 -3.88 28.67
N PRO A 371 -19.83 -4.99 29.42
CA PRO A 371 -19.58 -4.92 30.87
C PRO A 371 -18.20 -4.36 31.16
N PRO A 372 -18.06 -3.56 32.22
CA PRO A 372 -16.74 -3.06 32.60
C PRO A 372 -15.76 -4.20 32.83
N ASP A 373 -14.52 -4.00 32.37
CA ASP A 373 -13.42 -4.94 32.50
C ASP A 373 -13.66 -6.25 31.75
N SER A 374 -14.62 -6.28 30.83
CA SER A 374 -14.78 -7.44 29.98
C SER A 374 -13.77 -7.40 28.84
N TYR A 375 -13.52 -8.56 28.23
CA TYR A 375 -12.55 -8.71 27.15
C TYR A 375 -13.25 -8.90 25.82
N GLY A 376 -12.67 -8.33 24.75
CA GLY A 376 -13.15 -8.54 23.41
C GLY A 376 -12.01 -8.91 22.49
N LEU A 377 -12.36 -9.55 21.37
CA LEU A 377 -11.35 -9.99 20.41
C LEU A 377 -11.80 -9.63 19.00
N ILE A 378 -10.98 -8.85 18.30
CA ILE A 378 -11.18 -8.62 16.87
C ILE A 378 -10.34 -9.62 16.11
N VAL A 379 -10.95 -10.32 15.14
CA VAL A 379 -10.26 -11.31 14.31
C VAL A 379 -10.61 -11.06 12.86
N ALA A 380 -9.58 -11.01 12.00
CA ALA A 380 -9.84 -10.92 10.58
C ALA A 380 -8.84 -11.78 9.83
N MET A 381 -9.26 -12.23 8.64
CA MET A 381 -8.44 -13.08 7.80
C MET A 381 -8.43 -12.49 6.41
N GLY A 382 -7.32 -12.67 5.71
CA GLY A 382 -7.21 -12.09 4.39
C GLY A 382 -6.10 -12.74 3.59
N PRO A 383 -5.81 -12.17 2.42
CA PRO A 383 -4.77 -12.73 1.55
C PRO A 383 -3.46 -12.89 2.30
N GLY A 384 -2.76 -13.97 1.98
CA GLY A 384 -1.46 -14.32 2.51
C GLY A 384 -1.13 -15.80 2.61
N LEU A 385 -2.02 -16.68 3.11
CA LEU A 385 -3.21 -16.37 3.90
C LEU A 385 -2.83 -15.85 5.27
N ALA A 386 -3.33 -14.68 5.65
CA ALA A 386 -2.91 -14.04 6.88
C ALA A 386 -4.12 -13.88 7.80
N GLN A 387 -3.85 -13.88 9.11
CA GLN A 387 -4.88 -13.57 10.08
C GLN A 387 -4.36 -12.55 11.07
N GLU A 388 -5.28 -11.76 11.62
CA GLU A 388 -4.93 -10.74 12.59
C GLU A 388 -5.87 -10.83 13.79
N ALA A 389 -5.32 -10.71 15.00
CA ALA A 389 -6.13 -10.72 16.21
C ALA A 389 -5.75 -9.55 17.11
N ILE A 390 -6.75 -8.91 17.68
CA ILE A 390 -6.55 -7.75 18.56
C ILE A 390 -7.33 -7.99 19.84
N LEU A 391 -6.65 -7.90 20.98
CA LEU A 391 -7.30 -8.11 22.27
C LEU A 391 -7.73 -6.76 22.83
N LEU A 392 -9.01 -6.66 23.18
CA LEU A 392 -9.58 -5.46 23.75
C LEU A 392 -9.96 -5.72 25.21
N LYS A 393 -9.89 -4.68 26.02
CA LYS A 393 -10.45 -4.76 27.36
C LYS A 393 -11.19 -3.45 27.61
N TRP A 394 -12.40 -3.58 28.12
CA TRP A 394 -13.15 -2.44 28.58
C TRP A 394 -12.75 -2.18 30.03
N THR B 23 16.66 4.84 17.64
CA THR B 23 16.71 3.81 16.60
C THR B 23 18.02 3.86 15.78
N TYR B 24 18.63 2.69 15.60
CA TYR B 24 19.91 2.58 14.93
C TYR B 24 19.74 1.94 13.55
N ILE B 25 20.43 2.49 12.57
CA ILE B 25 20.59 1.84 11.27
C ILE B 25 21.83 0.97 11.34
N VAL B 26 21.65 -0.34 11.25
CA VAL B 26 22.75 -1.28 11.45
C VAL B 26 23.45 -1.61 10.15
N SER B 27 22.70 -1.87 9.07
CA SER B 27 23.31 -2.37 7.85
C SER B 27 22.33 -2.23 6.69
N THR B 28 22.86 -2.45 5.50
CA THR B 28 22.10 -2.25 4.27
C THR B 28 22.58 -3.24 3.24
N SER B 29 21.76 -3.41 2.20
CA SER B 29 22.11 -4.28 1.09
C SER B 29 21.34 -3.79 -0.13
N THR B 30 21.78 -4.23 -1.31
CA THR B 30 21.04 -3.93 -2.53
C THR B 30 20.94 -5.19 -3.39
N ALA B 31 20.05 -5.13 -4.37
CA ALA B 31 19.88 -6.23 -5.31
C ALA B 31 19.42 -5.67 -6.64
N PHE B 32 20.11 -6.03 -7.71
CA PHE B 32 19.78 -5.56 -9.04
C PHE B 32 19.60 -6.74 -9.98
N PRO B 33 18.81 -6.58 -11.04
CA PRO B 33 18.67 -7.66 -12.02
C PRO B 33 19.95 -7.85 -12.81
N GLU B 34 20.00 -8.83 -13.71
CA GLU B 34 21.26 -9.14 -14.37
C GLU B 34 21.56 -8.26 -15.58
N ASN B 35 20.55 -7.67 -16.20
CA ASN B 35 20.74 -6.93 -17.45
C ASN B 35 20.88 -5.43 -17.16
N TYR B 36 22.09 -4.91 -17.39
CA TYR B 36 22.40 -3.48 -17.28
C TYR B 36 22.53 -2.90 -18.68
N TYR B 37 21.72 -1.90 -19.00
CA TYR B 37 21.77 -1.35 -20.35
C TYR B 37 22.39 0.04 -20.33
N PRO B 38 23.35 0.35 -21.21
CA PRO B 38 23.81 1.74 -21.31
C PRO B 38 22.64 2.63 -21.72
N GLN B 39 22.65 3.87 -21.21
CA GLN B 39 21.57 4.80 -21.52
C GLN B 39 21.46 5.04 -23.03
N THR B 40 22.59 5.01 -23.74
CA THR B 40 22.52 5.20 -25.19
C THR B 40 21.81 4.03 -25.89
N VAL B 41 21.94 2.82 -25.36
CA VAL B 41 21.22 1.69 -25.96
C VAL B 41 19.73 1.85 -25.71
N LEU B 42 19.35 2.29 -24.51
CA LEU B 42 17.94 2.52 -24.23
C LEU B 42 17.37 3.62 -25.13
N ALA B 43 18.10 4.73 -25.30
CA ALA B 43 17.63 5.77 -26.21
C ALA B 43 17.46 5.22 -27.62
N ALA B 44 18.43 4.43 -28.09
CA ALA B 44 18.33 3.84 -29.42
C ALA B 44 17.14 2.90 -29.54
N ALA B 45 16.83 2.17 -28.47
CA ALA B 45 15.68 1.25 -28.50
C ALA B 45 14.38 2.01 -28.67
N LEU B 46 14.25 3.16 -28.01
CA LEU B 46 13.04 3.94 -28.15
C LEU B 46 12.97 4.60 -29.52
N ARG B 47 14.09 5.12 -30.00
CA ARG B 47 14.12 5.68 -31.35
C ARG B 47 13.69 4.63 -32.36
N ARG B 48 14.16 3.40 -32.19
CA ARG B 48 13.79 2.32 -33.09
C ARG B 48 12.29 2.10 -33.05
N PHE B 49 11.70 2.15 -31.86
CA PHE B 49 10.26 2.01 -31.74
C PHE B 49 9.53 3.11 -32.51
N PHE B 50 9.99 4.36 -32.37
CA PHE B 50 9.36 5.45 -33.09
C PHE B 50 9.45 5.24 -34.60
N THR B 51 10.62 4.81 -35.07
CA THR B 51 10.86 4.68 -36.50
C THR B 51 10.07 3.53 -37.09
N VAL B 52 10.11 2.35 -36.46
CA VAL B 52 9.38 1.20 -36.99
C VAL B 52 7.89 1.46 -36.99
N MET B 53 7.38 2.24 -36.03
CA MET B 53 5.98 2.63 -35.97
C MET B 53 5.67 3.81 -36.87
N GLU B 54 6.69 4.44 -37.44
CA GLU B 54 6.55 5.61 -38.30
C GLU B 54 5.74 6.71 -37.61
N LEU B 55 6.27 7.15 -36.46
CA LEU B 55 5.65 8.20 -35.67
C LEU B 55 6.30 9.52 -36.02
N ASP B 56 5.47 10.52 -36.31
CA ASP B 56 5.98 11.82 -36.77
C ASP B 56 6.36 12.67 -35.57
N PHE B 57 7.49 12.32 -34.96
CA PHE B 57 8.01 13.10 -33.86
C PHE B 57 9.51 13.27 -34.03
N ASP B 58 10.03 14.43 -33.60
CA ASP B 58 11.46 14.69 -33.72
C ASP B 58 12.25 13.71 -32.86
N LEU B 59 12.93 12.76 -33.50
CA LEU B 59 13.70 11.75 -32.79
C LEU B 59 14.79 12.36 -31.92
N GLU B 60 15.23 13.58 -32.22
CA GLU B 60 16.28 14.19 -31.41
C GLU B 60 15.79 14.56 -30.01
N GLN B 61 14.47 14.63 -29.79
CA GLN B 61 13.97 14.87 -28.45
C GLN B 61 14.23 13.68 -27.53
N ILE B 62 14.24 12.47 -28.07
CA ILE B 62 14.59 11.31 -27.26
C ILE B 62 16.03 11.41 -26.79
N ASP B 63 16.95 11.69 -27.72
CA ASP B 63 18.35 11.85 -27.37
C ASP B 63 18.52 12.99 -26.36
N ARG B 64 17.84 14.11 -26.59
CA ARG B 64 17.94 15.25 -25.69
C ARG B 64 17.61 14.85 -24.25
N PHE B 65 16.47 14.21 -24.04
CA PHE B 65 16.07 13.94 -22.67
C PHE B 65 16.82 12.75 -22.08
N PHE B 66 17.05 11.70 -22.87
CA PHE B 66 17.85 10.60 -22.35
C PHE B 66 19.25 11.07 -21.95
N THR B 67 19.77 12.10 -22.62
CA THR B 67 21.07 12.66 -22.28
C THR B 67 20.98 13.63 -21.11
N ASN B 68 19.94 14.46 -21.08
CA ASN B 68 19.87 15.54 -20.09
C ASN B 68 19.53 15.04 -18.68
N VAL B 69 19.05 13.80 -18.52
CA VAL B 69 18.80 13.28 -17.18
C VAL B 69 20.09 12.85 -16.49
N LYS B 70 21.21 12.84 -17.20
CA LYS B 70 22.53 12.52 -16.64
C LYS B 70 22.54 11.12 -16.03
N ILE B 71 22.13 10.13 -16.83
CA ILE B 71 22.16 8.72 -16.43
C ILE B 71 23.06 8.00 -17.41
N ASP B 72 23.99 7.19 -16.89
CA ASP B 72 24.89 6.45 -17.78
C ASP B 72 24.36 5.09 -18.20
N GLY B 73 23.52 4.48 -17.37
CA GLY B 73 22.94 3.19 -17.69
C GLY B 73 21.97 2.81 -16.59
N ARG B 74 21.14 1.80 -16.89
CA ARG B 74 20.06 1.40 -16.01
C ARG B 74 19.89 -0.12 -16.04
N TYR B 75 19.50 -0.69 -14.89
CA TYR B 75 19.10 -2.10 -14.83
C TYR B 75 17.64 -2.25 -15.23
N PHE B 76 17.37 -3.20 -16.14
CA PHE B 76 16.00 -3.53 -16.54
C PHE B 76 15.75 -4.99 -16.23
N ALA B 77 14.80 -5.26 -15.32
CA ALA B 77 14.47 -6.66 -15.01
C ALA B 77 13.64 -7.31 -16.12
N LEU B 78 12.77 -6.54 -16.79
CA LEU B 78 11.86 -7.00 -17.83
C LEU B 78 12.45 -6.73 -19.22
N PRO B 79 12.00 -7.48 -20.23
CA PRO B 79 12.70 -7.48 -21.53
C PRO B 79 12.59 -6.16 -22.28
N LEU B 80 13.68 -5.84 -22.97
CA LEU B 80 13.69 -4.68 -23.87
C LEU B 80 12.98 -4.97 -25.19
N ASP B 81 12.84 -6.24 -25.56
CA ASP B 81 12.21 -6.61 -26.82
C ASP B 81 10.71 -6.37 -26.81
N SER B 82 10.09 -6.35 -25.62
CA SER B 82 8.67 -6.01 -25.50
C SER B 82 8.33 -4.67 -26.13
N LEU B 83 9.32 -3.83 -26.43
CA LEU B 83 9.04 -2.57 -27.11
C LEU B 83 8.31 -2.82 -28.42
N LEU B 84 8.86 -3.70 -29.24
CA LEU B 84 8.28 -4.03 -30.55
C LEU B 84 7.27 -5.15 -30.49
N ASP B 85 7.34 -6.01 -29.49
CA ASP B 85 6.44 -7.15 -29.33
C ASP B 85 5.94 -7.21 -27.88
N PRO B 86 5.03 -6.32 -27.49
CA PRO B 86 4.56 -6.30 -26.09
C PRO B 86 3.81 -7.57 -25.74
N PRO B 87 4.14 -8.19 -24.61
CA PRO B 87 3.36 -9.33 -24.13
C PRO B 87 2.05 -8.85 -23.53
N THR B 88 1.26 -9.79 -23.01
CA THR B 88 -0.01 -9.44 -22.40
C THR B 88 0.22 -8.71 -21.09
N TRP B 89 -0.80 -7.93 -20.71
CA TRP B 89 -0.76 -7.18 -19.47
C TRP B 89 -0.59 -8.11 -18.26
N GLY B 90 -1.31 -9.24 -18.26
CA GLY B 90 -1.19 -10.17 -17.15
C GLY B 90 0.18 -10.81 -17.05
N VAL B 91 0.79 -11.13 -18.20
CA VAL B 91 2.13 -11.73 -18.20
C VAL B 91 3.15 -10.74 -17.66
N SER B 92 3.05 -9.47 -18.06
CA SER B 92 3.97 -8.46 -17.56
C SER B 92 3.78 -8.24 -16.05
N ILE B 93 2.54 -8.27 -15.56
CA ILE B 93 2.33 -8.13 -14.13
C ILE B 93 2.92 -9.31 -13.37
N SER B 94 2.71 -10.52 -13.90
CA SER B 94 3.29 -11.71 -13.25
C SER B 94 4.81 -11.64 -13.22
N ARG B 95 5.43 -11.25 -14.35
CA ARG B 95 6.88 -11.10 -14.38
C ARG B 95 7.36 -10.03 -13.40
N GLY B 96 6.65 -8.90 -13.33
CA GLY B 96 7.06 -7.84 -12.42
C GLY B 96 7.04 -8.30 -10.98
N LEU B 97 5.98 -9.00 -10.60
CA LEU B 97 5.86 -9.57 -9.27
C LEU B 97 6.98 -10.56 -8.98
N GLU B 98 7.24 -11.48 -9.92
CA GLU B 98 8.30 -12.47 -9.71
C GLU B 98 9.65 -11.82 -9.55
N ASN B 99 9.95 -10.81 -10.36
CA ASN B 99 11.23 -10.12 -10.28
C ASN B 99 11.33 -9.28 -9.00
N SER B 100 10.22 -8.66 -8.60
CA SER B 100 10.22 -7.93 -7.33
C SER B 100 10.54 -8.87 -6.17
N LEU B 101 9.91 -10.05 -6.15
CA LEU B 101 10.18 -11.01 -5.09
C LEU B 101 11.62 -11.48 -5.10
N ASN B 102 12.16 -11.81 -6.30
CA ASN B 102 13.51 -12.32 -6.40
C ASN B 102 14.53 -11.30 -5.89
N LEU B 103 14.40 -10.03 -6.30
CA LEU B 103 15.35 -9.02 -5.84
C LEU B 103 15.23 -8.78 -4.35
N ALA B 104 13.98 -8.72 -3.84
CA ALA B 104 13.80 -8.49 -2.42
C ALA B 104 14.39 -9.64 -1.60
N GLU B 105 14.16 -10.88 -2.03
CA GLU B 105 14.75 -12.03 -1.33
C GLU B 105 16.27 -11.94 -1.35
N THR B 106 16.87 -11.62 -2.50
CA THR B 106 18.33 -11.52 -2.55
C THR B 106 18.82 -10.47 -1.57
N ALA B 107 18.20 -9.29 -1.57
CA ALA B 107 18.67 -8.20 -0.73
C ALA B 107 18.54 -8.56 0.74
N ILE B 108 17.38 -9.09 1.14
CA ILE B 108 17.16 -9.45 2.54
C ILE B 108 18.15 -10.52 2.99
N THR B 109 18.34 -11.54 2.15
CA THR B 109 19.27 -12.61 2.53
C THR B 109 20.70 -12.08 2.68
N LYS B 110 21.12 -11.20 1.78
CA LYS B 110 22.45 -10.59 1.89
C LYS B 110 22.57 -9.79 3.18
N LEU B 111 21.50 -9.11 3.55
CA LEU B 111 21.47 -8.31 4.76
C LEU B 111 21.58 -9.19 5.99
N LEU B 112 20.77 -10.26 6.05
CA LEU B 112 20.80 -11.15 7.19
C LEU B 112 22.16 -11.83 7.32
N GLU B 113 22.74 -12.27 6.18
CA GLU B 113 24.03 -12.95 6.23
C GLU B 113 25.14 -12.02 6.70
N LYS B 114 25.15 -10.77 6.23
CA LYS B 114 26.24 -9.87 6.58
C LYS B 114 26.19 -9.45 8.03
N THR B 115 24.99 -9.45 8.63
CA THR B 115 24.81 -9.09 10.03
C THR B 115 24.75 -10.28 10.94
N ASN B 116 24.76 -11.49 10.39
CA ASN B 116 24.62 -12.71 11.17
C ASN B 116 23.38 -12.67 12.06
N VAL B 117 22.26 -12.31 11.44
CA VAL B 117 20.97 -12.23 12.14
C VAL B 117 20.06 -13.30 11.57
N GLN B 118 19.42 -14.06 12.46
CA GLN B 118 18.51 -15.10 12.03
C GLN B 118 17.14 -14.49 11.71
N PRO B 119 16.48 -14.98 10.66
CA PRO B 119 15.13 -14.45 10.32
C PRO B 119 14.15 -14.50 11.48
N GLN B 120 14.24 -15.52 12.33
CA GLN B 120 13.32 -15.61 13.45
C GLN B 120 13.56 -14.52 14.47
N ASP B 121 14.68 -13.82 14.41
CA ASP B 121 14.90 -12.73 15.35
C ASP B 121 14.54 -11.37 14.75
N ILE B 122 13.87 -11.36 13.61
CA ILE B 122 13.33 -10.15 13.01
C ILE B 122 11.87 -10.01 13.48
N SER B 123 11.54 -8.87 14.09
CA SER B 123 10.19 -8.66 14.60
C SER B 123 9.26 -8.00 13.57
N LEU B 124 9.79 -7.11 12.73
CA LEU B 124 8.97 -6.40 11.77
C LEU B 124 9.64 -6.38 10.40
N LEU B 125 8.86 -6.64 9.36
CA LEU B 125 9.29 -6.57 7.97
C LEU B 125 8.42 -5.54 7.25
N ALA B 126 9.03 -4.45 6.85
CA ALA B 126 8.32 -3.36 6.19
C ALA B 126 8.72 -3.34 4.73
N SER B 127 7.76 -3.09 3.86
CA SER B 127 7.98 -3.09 2.41
C SER B 127 7.41 -1.84 1.78
N VAL B 128 8.08 -1.35 0.73
CA VAL B 128 7.48 -0.34 -0.14
C VAL B 128 7.76 -0.75 -1.57
N SER B 129 6.71 -0.69 -2.40
CA SER B 129 6.79 -1.02 -3.82
C SER B 129 5.47 -0.67 -4.47
N MET B 130 5.52 -0.19 -5.70
CA MET B 130 4.30 -0.04 -6.48
C MET B 130 3.92 -1.28 -7.28
N THR B 131 4.71 -2.35 -7.23
CA THR B 131 4.31 -3.59 -7.90
C THR B 131 3.01 -4.08 -7.31
N PRO B 132 1.96 -4.30 -8.11
CA PRO B 132 0.68 -4.78 -7.55
C PRO B 132 0.88 -6.15 -6.91
N ALA B 133 0.49 -6.27 -5.65
CA ALA B 133 0.75 -7.50 -4.91
C ALA B 133 -0.28 -7.59 -3.78
N ILE B 134 -1.29 -8.43 -3.97
CA ILE B 134 -2.27 -8.77 -2.94
C ILE B 134 -2.38 -10.28 -2.90
N PRO B 135 -1.74 -10.97 -1.94
CA PRO B 135 -1.03 -10.38 -0.78
C PRO B 135 0.28 -9.65 -1.12
N SER B 136 0.69 -8.77 -0.22
CA SER B 136 1.88 -7.94 -0.36
C SER B 136 3.16 -8.77 -0.55
N LEU B 137 4.20 -8.11 -1.05
CA LEU B 137 5.47 -8.80 -1.29
C LEU B 137 6.07 -9.35 0.00
N ASP B 138 5.94 -8.60 1.10
CA ASP B 138 6.47 -9.06 2.38
C ASP B 138 5.78 -10.34 2.85
N GLY B 139 4.47 -10.46 2.64
CA GLY B 139 3.80 -11.72 2.96
C GLY B 139 4.32 -12.89 2.14
N ARG B 140 4.48 -12.68 0.82
CA ARG B 140 4.97 -13.76 -0.05
C ARG B 140 6.40 -14.17 0.29
N LEU B 141 7.20 -13.24 0.80
CA LEU B 141 8.59 -13.54 1.14
C LEU B 141 8.71 -14.48 2.34
N MET B 142 7.68 -14.53 3.19
CA MET B 142 7.72 -15.44 4.33
C MET B 142 7.77 -16.90 3.89
N ASN B 143 7.39 -17.20 2.64
CA ASN B 143 7.54 -18.55 2.12
C ASN B 143 8.91 -18.82 1.53
N ARG B 144 9.74 -17.80 1.43
CA ARG B 144 11.09 -17.92 0.89
C ARG B 144 12.17 -17.84 1.96
N ILE B 145 11.86 -17.21 3.09
CA ILE B 145 12.83 -16.94 4.14
C ILE B 145 12.16 -17.38 5.44
N PRO B 146 12.82 -18.17 6.27
CA PRO B 146 12.12 -18.75 7.42
C PRO B 146 11.83 -17.75 8.52
N PHE B 147 11.15 -16.64 8.19
CA PHE B 147 10.62 -15.77 9.23
C PHE B 147 9.61 -16.54 10.07
N SER B 148 9.45 -16.13 11.32
CA SER B 148 8.43 -16.78 12.14
C SER B 148 7.03 -16.39 11.65
N SER B 149 6.07 -17.29 11.86
CA SER B 149 4.72 -17.09 11.33
C SER B 149 4.03 -15.86 11.93
N THR B 150 4.51 -15.37 13.07
CA THR B 150 3.91 -14.21 13.73
C THR B 150 4.68 -12.93 13.45
N LEU B 151 5.53 -12.94 12.42
CA LEU B 151 6.22 -11.74 11.96
C LEU B 151 5.22 -10.61 11.76
N LYS B 152 5.55 -9.44 12.29
CA LYS B 152 4.74 -8.25 12.04
C LYS B 152 5.15 -7.64 10.71
N ARG B 153 4.17 -7.19 9.94
CA ARG B 153 4.44 -6.69 8.60
C ARG B 153 3.93 -5.26 8.47
N LEU B 154 4.54 -4.51 7.56
CA LEU B 154 4.15 -3.11 7.32
C LEU B 154 4.22 -2.85 5.82
N PRO B 155 3.23 -3.29 5.08
CA PRO B 155 3.27 -3.13 3.63
C PRO B 155 2.70 -1.78 3.21
N MET B 156 3.56 -0.88 2.78
CA MET B 156 3.10 0.47 2.45
C MET B 156 3.01 0.64 0.93
N ASN B 157 2.18 1.59 0.50
CA ASN B 157 2.06 1.90 -0.91
C ASN B 157 1.55 3.33 -1.04
N GLY B 158 1.40 3.77 -2.28
CA GLY B 158 0.91 5.11 -2.53
C GLY B 158 1.90 6.21 -2.26
N VAL B 159 3.19 5.87 -2.16
CA VAL B 159 4.22 6.85 -1.87
C VAL B 159 5.26 7.02 -2.97
N GLY B 160 5.36 6.10 -3.94
CA GLY B 160 6.24 6.33 -5.09
C GLY B 160 7.69 6.53 -4.70
N CYS B 161 8.33 7.55 -5.31
CA CYS B 161 9.77 7.75 -5.17
C CYS B 161 10.17 8.04 -3.73
N MET B 162 9.24 8.51 -2.90
CA MET B 162 9.55 8.84 -1.52
C MET B 162 9.59 7.61 -0.62
N GLY B 163 9.30 6.42 -1.14
CA GLY B 163 9.00 5.27 -0.28
C GLY B 163 10.17 4.83 0.59
N GLY B 164 11.38 4.85 0.06
CA GLY B 164 12.56 4.53 0.85
C GLY B 164 12.69 5.37 2.11
N ALA B 165 12.70 6.69 1.96
CA ALA B 165 12.79 7.55 3.12
C ALA B 165 11.55 7.41 4.00
N PHE B 166 10.38 7.31 3.38
CA PHE B 166 9.14 7.12 4.14
C PHE B 166 9.20 5.85 5.00
N GLY B 167 9.69 4.76 4.42
CA GLY B 167 9.81 3.51 5.15
C GLY B 167 10.71 3.63 6.36
N ILE B 168 11.86 4.28 6.20
CA ILE B 168 12.78 4.50 7.31
C ILE B 168 12.06 5.20 8.46
N SER B 169 11.29 6.24 8.15
CA SER B 169 10.58 6.98 9.20
C SER B 169 9.57 6.10 9.91
N ARG B 170 8.75 5.36 9.15
CA ARG B 170 7.72 4.57 9.83
C ARG B 170 8.34 3.47 10.69
N VAL B 171 9.44 2.86 10.22
CA VAL B 171 10.09 1.80 11.01
C VAL B 171 10.72 2.39 12.26
N ALA B 172 11.37 3.57 12.12
CA ALA B 172 11.93 4.26 13.27
C ALA B 172 10.83 4.58 14.29
N ASP B 173 9.66 5.04 13.82
CA ASP B 173 8.56 5.28 14.74
C ASP B 173 8.15 4.00 15.46
N TYR B 174 8.11 2.88 14.74
CA TYR B 174 7.78 1.61 15.39
C TYR B 174 8.81 1.24 16.45
N LEU B 175 10.09 1.42 16.16
CA LEU B 175 11.13 0.93 17.06
C LEU B 175 11.27 1.83 18.29
N LYS B 176 10.76 3.07 18.21
CA LYS B 176 10.63 3.90 19.40
C LYS B 176 9.88 3.15 20.51
N ALA B 177 8.86 2.38 20.13
CA ALA B 177 8.01 1.67 21.08
C ALA B 177 8.48 0.25 21.33
N HIS B 178 9.50 -0.22 20.61
CA HIS B 178 9.98 -1.60 20.72
C HIS B 178 11.50 -1.61 20.74
N PRO B 179 12.10 -1.09 21.81
CA PRO B 179 13.56 -0.86 21.81
C PRO B 179 14.41 -2.12 21.75
N LYS B 180 13.86 -3.30 21.98
CA LYS B 180 14.66 -4.53 21.94
C LYS B 180 14.54 -5.26 20.60
N GLU B 181 13.79 -4.72 19.65
CA GLU B 181 13.42 -5.44 18.44
C GLU B 181 14.30 -5.04 17.26
N ALA B 182 14.31 -5.92 16.26
CA ALA B 182 14.98 -5.67 14.99
C ALA B 182 13.93 -5.67 13.87
N ALA B 183 14.14 -4.78 12.89
CA ALA B 183 13.23 -4.64 11.77
C ALA B 183 14.03 -4.54 10.48
N ILE B 184 13.46 -5.06 9.40
CA ILE B 184 14.04 -4.93 8.06
C ILE B 184 13.05 -4.16 7.21
N LEU B 185 13.56 -3.14 6.49
CA LEU B 185 12.79 -2.44 5.47
C LEU B 185 13.39 -2.79 4.13
N PHE B 186 12.55 -3.11 3.14
CA PHE B 186 13.03 -3.20 1.77
C PHE B 186 12.14 -2.40 0.84
N ALA B 187 12.76 -1.89 -0.22
CA ALA B 187 12.07 -1.19 -1.27
C ALA B 187 12.51 -1.79 -2.60
N VAL B 188 11.55 -2.04 -3.49
CA VAL B 188 11.90 -2.63 -4.78
C VAL B 188 10.93 -2.09 -5.82
N GLU B 189 11.46 -1.68 -6.96
CA GLU B 189 10.59 -1.17 -8.03
C GLU B 189 11.05 -1.70 -9.37
N ILE B 190 10.07 -2.01 -10.23
CA ILE B 190 10.36 -2.52 -11.56
C ILE B 190 9.86 -1.49 -12.56
N SER B 191 10.67 -0.46 -12.79
CA SER B 191 10.24 0.59 -13.71
C SER B 191 10.12 0.05 -15.14
N SER B 192 10.93 -0.96 -15.48
CA SER B 192 10.87 -1.53 -16.82
C SER B 192 9.51 -2.11 -17.17
N ALA B 193 8.59 -2.21 -16.19
CA ALA B 193 7.23 -2.64 -16.54
C ALA B 193 6.56 -1.65 -17.48
N LEU B 194 6.91 -0.37 -17.41
CA LEU B 194 6.29 0.60 -18.30
C LEU B 194 6.73 0.39 -19.75
N TRP B 195 7.82 -0.32 -19.97
CA TRP B 195 8.31 -0.61 -21.31
C TRP B 195 7.67 -1.87 -21.89
N GLN B 196 6.74 -2.48 -21.17
CA GLN B 196 6.07 -3.71 -21.59
C GLN B 196 4.75 -3.43 -22.30
N GLY B 197 4.49 -2.20 -22.70
CA GLY B 197 3.29 -1.89 -23.45
C GLY B 197 2.66 -0.56 -23.12
N SER B 198 2.79 -0.10 -21.88
CA SER B 198 2.18 1.17 -21.50
C SER B 198 2.81 2.33 -22.26
N LEU B 199 4.13 2.45 -22.22
CA LEU B 199 4.79 3.57 -22.89
C LEU B 199 4.52 3.54 -24.40
N GLN B 200 4.58 2.35 -24.99
CA GLN B 200 4.38 2.22 -26.43
C GLN B 200 2.98 2.69 -26.83
N ALA B 201 1.95 2.19 -26.14
CA ALA B 201 0.58 2.55 -26.48
C ALA B 201 0.34 4.05 -26.32
N ASN B 202 0.84 4.64 -25.22
CA ASN B 202 0.52 6.03 -24.96
C ASN B 202 1.24 6.95 -25.92
N LEU B 203 2.53 6.71 -26.15
CA LEU B 203 3.29 7.57 -27.05
C LEU B 203 2.72 7.51 -28.46
N THR B 204 2.24 6.34 -28.86
CA THR B 204 1.65 6.18 -30.18
C THR B 204 0.38 7.02 -30.30
N SER B 205 -0.55 6.85 -29.36
CA SER B 205 -1.79 7.62 -29.38
C SER B 205 -1.51 9.12 -29.30
N LEU B 206 -0.61 9.53 -28.40
CA LEU B 206 -0.36 10.97 -28.24
C LEU B 206 0.26 11.58 -29.48
N ILE B 207 1.24 10.92 -30.10
CA ILE B 207 1.88 11.49 -31.28
C ILE B 207 0.89 11.58 -32.43
N ARG B 208 0.08 10.53 -32.61
CA ARG B 208 -0.86 10.50 -33.74
C ARG B 208 -1.95 11.55 -33.58
N ARG B 209 -2.39 11.83 -32.35
CA ARG B 209 -3.38 12.87 -32.13
C ARG B 209 -2.74 14.26 -32.05
N LEU B 210 -1.41 14.35 -32.07
CA LEU B 210 -0.75 15.64 -31.97
C LEU B 210 -1.12 16.62 -33.08
N PRO B 211 -1.19 16.24 -34.37
CA PRO B 211 -1.47 17.23 -35.41
C PRO B 211 -2.76 18.01 -35.17
N GLU B 212 -3.81 17.36 -34.69
CA GLU B 212 -5.06 18.05 -34.39
C GLU B 212 -5.11 18.64 -32.99
N ASN B 213 -4.16 18.31 -32.11
CA ASN B 213 -4.18 18.79 -30.73
C ASN B 213 -2.77 19.12 -30.26
N PRO B 214 -2.31 20.35 -30.51
CA PRO B 214 -0.94 20.71 -30.10
C PRO B 214 -0.68 20.64 -28.61
N SER B 215 -1.72 20.75 -27.78
CA SER B 215 -1.53 20.72 -26.33
C SER B 215 -0.93 19.40 -25.85
N LEU B 216 -0.98 18.36 -26.68
CA LEU B 216 -0.46 17.05 -26.33
C LEU B 216 1.06 16.96 -26.41
N TYR B 217 1.73 17.98 -26.95
CA TYR B 217 3.19 17.93 -27.05
C TYR B 217 3.84 17.72 -25.69
N SER B 218 3.45 18.52 -24.69
CA SER B 218 4.01 18.38 -23.35
C SER B 218 3.75 16.98 -22.80
N GLU B 219 2.66 16.34 -23.21
CA GLU B 219 2.38 14.97 -22.76
C GLU B 219 3.41 14.01 -23.33
N ILE B 220 3.72 14.15 -24.62
CA ILE B 220 4.70 13.28 -25.26
C ILE B 220 6.06 13.44 -24.59
N ILE B 221 6.46 14.68 -24.31
CA ILE B 221 7.73 14.92 -23.64
C ILE B 221 7.75 14.22 -22.28
N MET B 222 6.67 14.36 -21.50
CA MET B 222 6.61 13.72 -20.19
C MET B 222 6.87 12.22 -20.29
N ASP B 223 6.18 11.55 -21.22
CA ASP B 223 6.39 10.11 -21.38
C ASP B 223 7.81 9.81 -21.82
N ILE B 224 8.38 10.65 -22.69
CA ILE B 224 9.78 10.47 -23.07
C ILE B 224 10.69 10.61 -21.84
N ILE B 225 10.45 11.61 -21.01
CA ILE B 225 11.25 11.80 -19.80
C ILE B 225 11.11 10.57 -18.88
N THR B 226 9.88 10.09 -18.69
CA THR B 226 9.67 8.86 -17.93
C THR B 226 10.52 7.73 -18.50
N ALA B 227 10.52 7.58 -19.82
CA ALA B 227 11.32 6.53 -20.44
C ALA B 227 12.80 6.74 -20.19
N ALA B 228 13.24 8.00 -20.13
CA ALA B 228 14.65 8.31 -19.92
C ALA B 228 15.11 8.05 -18.50
N LEU B 229 14.21 8.14 -17.52
CA LEU B 229 14.64 8.35 -16.14
C LEU B 229 14.57 7.10 -15.25
N PHE B 230 13.47 6.37 -15.28
CA PHE B 230 13.20 5.38 -14.26
C PHE B 230 13.79 4.02 -14.61
N ALA B 231 14.23 3.32 -13.57
CA ALA B 231 14.99 2.07 -13.66
C ALA B 231 14.56 1.14 -12.53
N ASP B 232 15.17 -0.06 -12.50
CA ASP B 232 14.78 -1.13 -11.59
C ASP B 232 15.85 -1.36 -10.52
N GLY B 233 15.41 -1.76 -9.34
CA GLY B 233 16.36 -2.18 -8.32
C GLY B 233 15.72 -2.29 -6.95
N CYS B 234 16.53 -2.72 -5.99
CA CYS B 234 16.05 -3.00 -4.64
C CYS B 234 17.10 -2.61 -3.61
N GLY B 235 16.65 -2.00 -2.52
CA GLY B 235 17.50 -1.78 -1.37
C GLY B 235 16.80 -2.30 -0.13
N ALA B 236 17.61 -2.62 0.89
CA ALA B 236 17.09 -3.09 2.17
C ALA B 236 17.95 -2.55 3.30
N VAL B 237 17.33 -2.35 4.46
CA VAL B 237 18.02 -1.80 5.62
C VAL B 237 17.61 -2.57 6.86
N LEU B 238 18.57 -2.86 7.72
CA LEU B 238 18.31 -3.44 9.02
C LEU B 238 18.33 -2.31 10.03
N MET B 239 17.25 -2.17 10.80
CA MET B 239 17.16 -1.15 11.84
C MET B 239 16.80 -1.84 13.15
N VAL B 240 17.33 -1.32 14.27
CA VAL B 240 17.10 -1.92 15.58
C VAL B 240 16.84 -0.84 16.62
N GLY B 241 16.13 -1.24 17.66
CA GLY B 241 15.90 -0.35 18.79
C GLY B 241 17.13 -0.17 19.64
N LYS B 242 17.05 0.83 20.53
CA LYS B 242 18.22 1.26 21.29
C LYS B 242 18.77 0.18 22.20
N GLU B 243 17.92 -0.74 22.66
CA GLU B 243 18.38 -1.80 23.56
C GLU B 243 18.77 -3.07 22.83
N HIS B 244 18.74 -3.07 21.51
CA HIS B 244 19.13 -4.26 20.77
C HIS B 244 20.64 -4.42 20.82
N PRO B 245 21.14 -5.66 20.91
CA PRO B 245 22.60 -5.86 20.97
C PRO B 245 23.38 -5.31 19.78
N LEU B 246 22.73 -4.98 18.67
CA LEU B 246 23.45 -4.43 17.53
C LEU B 246 23.50 -2.91 17.54
N ALA B 247 22.92 -2.25 18.54
CA ALA B 247 22.90 -0.79 18.60
C ALA B 247 24.21 -0.30 19.20
N LYS B 248 25.18 0.00 18.33
CA LYS B 248 26.54 0.39 18.72
C LYS B 248 26.88 1.77 18.20
N SER B 249 27.83 2.42 18.88
CA SER B 249 28.02 3.87 18.77
C SER B 249 28.31 4.32 17.33
N GLY B 250 29.06 3.53 16.56
CA GLY B 250 29.45 4.02 15.24
C GLY B 250 28.32 4.20 14.24
N LEU B 251 27.17 3.63 14.51
CA LEU B 251 26.09 3.53 13.52
C LEU B 251 25.24 4.80 13.47
N PRO B 252 24.68 5.13 12.31
CA PRO B 252 23.76 6.27 12.25
C PRO B 252 22.51 5.99 13.05
N GLN B 253 22.11 6.98 13.85
CA GLN B 253 20.88 6.91 14.62
C GLN B 253 19.84 7.83 14.01
N VAL B 254 18.61 7.33 13.90
CA VAL B 254 17.47 8.16 13.52
C VAL B 254 17.04 8.92 14.77
N ILE B 255 17.29 10.22 14.79
CA ILE B 255 16.94 11.01 15.97
C ILE B 255 15.62 11.76 15.79
N ASP B 256 15.19 12.03 14.56
CA ASP B 256 13.88 12.64 14.31
C ASP B 256 13.51 12.41 12.84
N ASN B 257 12.23 12.65 12.50
CA ASN B 257 11.77 12.59 11.11
C ASN B 257 10.49 13.41 10.98
N ARG B 258 10.21 13.85 9.76
CA ARG B 258 9.05 14.69 9.53
C ARG B 258 8.58 14.53 8.08
N SER B 259 7.26 14.67 7.91
CA SER B 259 6.59 14.62 6.61
C SER B 259 6.04 15.99 6.22
N PHE B 260 5.86 16.18 4.93
CA PHE B 260 5.21 17.39 4.45
C PHE B 260 4.46 17.04 3.18
N LEU B 261 3.26 17.60 3.03
CA LEU B 261 2.51 17.43 1.79
C LEU B 261 2.08 18.81 1.30
N VAL B 262 2.40 19.11 0.04
CA VAL B 262 2.12 20.43 -0.53
C VAL B 262 0.67 20.47 -1.01
N PRO B 263 -0.15 21.42 -0.54
CA PRO B 263 -1.58 21.40 -0.92
C PRO B 263 -1.79 21.56 -2.42
N ASN B 264 -2.79 20.83 -2.92
CA ASN B 264 -3.29 20.97 -4.30
C ASN B 264 -2.22 20.75 -5.35
N THR B 265 -1.50 19.63 -5.22
CA THR B 265 -0.46 19.24 -6.17
C THR B 265 -0.54 17.75 -6.50
N VAL B 266 -1.69 17.12 -6.29
CA VAL B 266 -1.83 15.68 -6.57
C VAL B 266 -1.50 15.42 -8.02
N GLU B 267 -1.93 16.30 -8.91
CA GLU B 267 -1.83 16.06 -10.34
C GLU B 267 -0.42 16.24 -10.90
N LEU B 268 0.55 16.68 -10.08
CA LEU B 268 1.89 16.94 -10.58
C LEU B 268 2.76 15.70 -10.64
N MET B 269 2.41 14.64 -9.91
CA MET B 269 3.26 13.47 -9.79
C MET B 269 2.47 12.33 -9.18
N GLY B 270 2.57 11.16 -9.79
CA GLY B 270 1.82 10.01 -9.35
C GLY B 270 1.92 8.92 -10.41
N LEU B 271 1.01 7.95 -10.31
CA LEU B 271 0.98 6.84 -11.24
C LEU B 271 -0.47 6.44 -11.43
N ASP B 272 -0.98 6.61 -12.64
CA ASP B 272 -2.39 6.41 -12.93
C ASP B 272 -2.59 5.09 -13.66
N VAL B 273 -3.66 4.39 -13.31
CA VAL B 273 -4.09 3.21 -14.06
C VAL B 273 -5.03 3.69 -15.15
N VAL B 274 -4.69 3.39 -16.41
CA VAL B 274 -5.43 3.88 -17.56
C VAL B 274 -5.71 2.72 -18.50
N ASP B 275 -6.32 3.04 -19.64
CA ASP B 275 -6.61 2.01 -20.63
C ASP B 275 -5.33 1.40 -21.19
N ASN B 276 -4.32 2.22 -21.42
CA ASN B 276 -3.02 1.77 -21.92
C ASN B 276 -2.25 0.94 -20.90
N GLY B 277 -2.78 0.75 -19.70
CA GLY B 277 -2.03 0.12 -18.62
C GLY B 277 -1.74 1.10 -17.51
N PHE B 278 -0.47 1.45 -17.35
CA PHE B 278 -0.01 2.41 -16.36
C PHE B 278 0.44 3.68 -17.06
N ARG B 279 0.29 4.83 -16.40
CA ARG B 279 0.98 6.02 -16.87
C ARG B 279 1.64 6.71 -15.68
N ASN B 280 2.95 6.93 -15.79
CA ASN B 280 3.67 7.73 -14.82
C ASN B 280 3.38 9.21 -15.06
N ILE B 281 3.07 9.93 -13.97
CA ILE B 281 2.84 11.36 -14.03
C ILE B 281 4.02 12.05 -13.37
N LEU B 282 4.64 12.97 -14.10
CA LEU B 282 5.72 13.78 -13.53
C LEU B 282 5.72 15.06 -14.36
N ARG B 283 5.03 16.08 -13.86
CA ARG B 283 4.88 17.34 -14.57
C ARG B 283 6.09 18.25 -14.34
N PRO B 284 6.40 19.12 -15.31
CA PRO B 284 7.59 19.99 -15.15
C PRO B 284 7.50 20.90 -13.93
N GLU B 285 6.29 21.22 -13.47
CA GLU B 285 6.08 22.09 -12.32
C GLU B 285 6.53 21.48 -11.00
N VAL B 286 6.89 20.20 -10.97
CA VAL B 286 7.22 19.52 -9.71
C VAL B 286 8.31 20.26 -8.96
N SER B 287 9.40 20.59 -9.67
CA SER B 287 10.56 21.19 -9.00
C SER B 287 10.19 22.49 -8.31
N ASP B 288 9.36 23.30 -8.96
CA ASP B 288 8.93 24.55 -8.33
C ASP B 288 8.01 24.28 -7.14
N ALA B 289 7.10 23.30 -7.27
CA ALA B 289 6.25 22.96 -6.14
C ALA B 289 7.06 22.37 -5.00
N LEU B 290 8.17 21.70 -5.32
CA LEU B 290 9.09 21.20 -4.31
C LEU B 290 9.49 22.30 -3.34
N LYS B 291 9.80 23.49 -3.87
CA LYS B 291 10.22 24.61 -3.03
C LYS B 291 9.17 24.94 -1.99
N GLN B 292 7.88 24.74 -2.30
CA GLN B 292 6.84 25.07 -1.34
C GLN B 292 6.89 24.19 -0.10
N GLY B 293 7.44 22.98 -0.21
CA GLY B 293 7.45 22.09 0.94
C GLY B 293 8.81 21.90 1.59
N LEU B 294 9.87 21.93 0.77
CA LEU B 294 11.20 21.55 1.24
C LEU B 294 11.67 22.44 2.40
N ARG B 295 11.59 23.74 2.23
CA ARG B 295 12.19 24.56 3.30
C ARG B 295 11.36 24.61 4.58
N PRO B 296 10.03 24.77 4.54
CA PRO B 296 9.28 24.60 5.80
C PRO B 296 9.53 23.23 6.44
N LEU B 297 9.60 22.18 5.64
CA LEU B 297 9.86 20.85 6.19
C LEU B 297 11.21 20.79 6.88
N ILE B 298 12.28 21.11 6.15
CA ILE B 298 13.64 20.90 6.66
C ILE B 298 14.01 21.97 7.68
N ASN B 299 13.69 23.24 7.43
CA ASN B 299 13.97 24.27 8.42
C ASN B 299 13.30 23.95 9.76
N GLY B 300 12.02 23.58 9.72
CA GLY B 300 11.33 23.23 10.96
C GLY B 300 11.93 22.03 11.67
N LEU B 301 12.21 20.96 10.90
CA LEU B 301 12.82 19.78 11.51
C LEU B 301 14.13 20.12 12.21
N LEU B 302 14.99 20.88 11.51
CA LEU B 302 16.29 21.24 12.06
C LEU B 302 16.15 22.15 13.28
N ALA B 303 15.28 23.17 13.18
CA ALA B 303 15.07 24.10 14.29
C ALA B 303 14.61 23.38 15.55
N ASP B 304 13.68 22.43 15.39
CA ASP B 304 13.16 21.72 16.55
C ASP B 304 14.18 20.81 17.19
N ASN B 305 15.30 20.52 16.50
CA ASN B 305 16.39 19.75 17.07
C ASN B 305 17.64 20.59 17.33
N ASN B 306 17.51 21.93 17.32
CA ASN B 306 18.60 22.85 17.66
C ASN B 306 19.80 22.69 16.73
N ILE B 307 19.53 22.47 15.45
CA ILE B 307 20.56 22.30 14.43
C ILE B 307 20.33 23.37 13.37
N GLU B 308 21.41 23.80 12.72
CA GLU B 308 21.31 24.61 11.53
C GLU B 308 21.90 23.85 10.35
N SER B 309 21.34 24.11 9.17
CA SER B 309 21.71 23.36 7.98
C SER B 309 23.20 23.43 7.70
N GLU B 310 23.84 24.57 8.02
CA GLU B 310 25.26 24.73 7.70
C GLU B 310 26.12 23.74 8.45
N ASN B 311 25.65 23.25 9.59
CA ASN B 311 26.39 22.30 10.40
C ASN B 311 26.01 20.85 10.10
N LEU B 312 25.26 20.62 9.02
CA LEU B 312 24.99 19.25 8.59
C LEU B 312 26.24 18.65 7.96
N TYR B 313 26.61 17.44 8.39
CA TYR B 313 27.81 16.83 7.82
C TYR B 313 27.55 16.19 6.47
N ARG B 314 26.32 15.69 6.25
CA ARG B 314 26.04 14.91 5.06
C ARG B 314 24.57 15.09 4.67
N TRP B 315 24.31 15.13 3.37
CA TRP B 315 22.96 15.12 2.82
C TRP B 315 22.79 13.88 1.96
N ILE B 316 21.66 13.21 2.11
CA ILE B 316 21.31 12.06 1.27
C ILE B 316 19.98 12.39 0.62
N VAL B 317 20.02 12.94 -0.60
CA VAL B 317 18.81 13.49 -1.23
C VAL B 317 18.45 12.63 -2.44
N HIS B 318 17.23 12.12 -2.44
CA HIS B 318 16.75 11.32 -3.55
C HIS B 318 16.85 12.11 -4.85
N PRO B 319 17.52 11.57 -5.88
CA PRO B 319 17.69 12.30 -7.15
C PRO B 319 16.50 12.08 -8.08
N GLY B 320 15.37 12.73 -7.76
CA GLY B 320 14.22 12.64 -8.66
C GLY B 320 14.57 13.08 -10.07
N GLY B 321 15.50 14.01 -10.20
CA GLY B 321 16.01 14.43 -11.47
C GLY B 321 17.17 15.39 -11.27
N PRO B 322 17.91 15.70 -12.33
CA PRO B 322 18.96 16.72 -12.20
C PRO B 322 18.42 18.06 -11.71
N LYS B 323 17.26 18.47 -12.22
CA LYS B 323 16.66 19.74 -11.78
C LYS B 323 16.26 19.69 -10.32
N VAL B 324 15.78 18.54 -9.86
CA VAL B 324 15.46 18.39 -8.45
C VAL B 324 16.71 18.61 -7.61
N ILE B 325 17.84 18.03 -8.03
CA ILE B 325 19.08 18.19 -7.27
C ILE B 325 19.49 19.66 -7.25
N ASP B 326 19.48 20.32 -8.41
CA ASP B 326 19.84 21.74 -8.45
C ASP B 326 18.94 22.54 -7.51
N THR B 327 17.65 22.22 -7.48
CA THR B 327 16.70 22.97 -6.66
C THR B 327 17.03 22.85 -5.17
N VAL B 328 17.28 21.62 -4.70
CA VAL B 328 17.67 21.43 -3.30
C VAL B 328 18.96 22.19 -3.00
N GLU B 329 19.93 22.08 -3.90
CA GLU B 329 21.18 22.83 -3.78
C GLU B 329 20.91 24.32 -3.62
N ALA B 330 20.09 24.89 -4.51
CA ALA B 330 19.82 26.32 -4.48
C ALA B 330 19.07 26.74 -3.22
N GLU B 331 18.04 25.97 -2.83
CA GLU B 331 17.20 26.38 -1.72
C GLU B 331 18.00 26.50 -0.43
N PHE B 332 18.98 25.61 -0.23
CA PHE B 332 19.75 25.59 1.01
C PHE B 332 21.16 26.14 0.82
N GLY B 333 21.41 26.82 -0.29
CA GLY B 333 22.70 27.41 -0.58
C GLY B 333 23.83 26.43 -0.40
N LEU B 334 23.71 25.23 -0.97
CA LEU B 334 24.69 24.18 -0.75
C LEU B 334 25.86 24.33 -1.73
N ASP B 335 27.07 24.01 -1.26
CA ASP B 335 28.18 23.82 -2.18
C ASP B 335 27.88 22.63 -3.09
N SER B 336 28.20 22.75 -4.37
CA SER B 336 27.69 21.76 -5.30
C SER B 336 28.44 20.44 -5.24
N GLN B 337 29.35 20.25 -4.30
CA GLN B 337 29.82 18.91 -3.99
C GLN B 337 28.95 18.22 -2.96
N THR B 338 28.13 18.98 -2.22
CA THR B 338 27.37 18.42 -1.11
C THR B 338 26.37 17.36 -1.58
N LEU B 339 25.78 17.54 -2.76
CA LEU B 339 24.85 16.56 -3.30
C LEU B 339 25.48 15.66 -4.37
N GLN B 340 26.80 15.55 -4.40
CA GLN B 340 27.44 14.79 -5.48
C GLN B 340 26.94 13.34 -5.51
N LEU B 341 26.68 12.77 -4.33
CA LEU B 341 26.16 11.40 -4.27
C LEU B 341 24.81 11.26 -4.99
N SER B 342 23.98 12.30 -5.00
CA SER B 342 22.76 12.24 -5.80
C SER B 342 23.09 12.09 -7.27
N ARG B 343 24.01 12.92 -7.77
CA ARG B 343 24.39 12.84 -9.18
C ARG B 343 25.10 11.53 -9.51
N ASP B 344 26.01 11.08 -8.64
CA ASP B 344 26.70 9.83 -8.92
C ASP B 344 25.71 8.66 -8.96
N THR B 345 24.73 8.69 -8.08
CA THR B 345 23.74 7.61 -8.04
C THR B 345 22.91 7.58 -9.31
N LEU B 346 22.40 8.75 -9.70
CA LEU B 346 21.66 8.88 -10.96
C LEU B 346 22.48 8.36 -12.13
N ALA B 347 23.77 8.72 -12.19
CA ALA B 347 24.61 8.26 -13.29
C ALA B 347 24.77 6.74 -13.29
N GLU B 348 24.90 6.14 -12.10
CA GLU B 348 25.19 4.71 -11.99
C GLU B 348 23.97 3.83 -12.26
N VAL B 349 22.81 4.18 -11.71
CA VAL B 349 21.66 3.28 -11.74
C VAL B 349 20.38 3.96 -12.19
N GLY B 350 20.42 5.26 -12.49
CA GLY B 350 19.20 5.95 -12.80
C GLY B 350 18.36 6.18 -11.55
N ASN B 351 17.13 6.62 -11.80
CA ASN B 351 16.15 6.79 -10.73
C ASN B 351 15.47 5.45 -10.49
N ILE B 352 15.82 4.77 -9.38
CA ILE B 352 15.22 3.48 -9.07
C ILE B 352 14.14 3.72 -8.02
N SER B 353 13.57 4.94 -8.01
CA SER B 353 12.34 5.27 -7.28
C SER B 353 12.57 5.02 -5.79
N SER B 354 11.66 4.34 -5.09
CA SER B 354 11.76 4.23 -3.64
C SER B 354 13.08 3.60 -3.18
N ALA B 355 13.70 2.74 -4.01
CA ALA B 355 14.93 2.09 -3.59
C ALA B 355 16.15 3.01 -3.62
N THR B 356 16.07 4.18 -4.26
CA THR B 356 17.28 4.96 -4.54
C THR B 356 17.97 5.42 -3.26
N VAL B 357 17.23 6.01 -2.32
CA VAL B 357 17.88 6.50 -1.10
C VAL B 357 18.47 5.34 -0.30
N LEU B 358 17.92 4.14 -0.42
CA LEU B 358 18.50 2.98 0.25
C LEU B 358 19.80 2.57 -0.42
N TYR B 359 19.85 2.61 -1.76
CA TYR B 359 21.11 2.42 -2.46
C TYR B 359 22.13 3.46 -2.00
N MET B 360 21.70 4.72 -1.92
CA MET B 360 22.58 5.81 -1.49
C MET B 360 23.10 5.58 -0.08
N LEU B 361 22.19 5.26 0.85
CA LEU B 361 22.61 5.01 2.23
C LEU B 361 23.62 3.87 2.29
N ASP B 362 23.42 2.84 1.47
CA ASP B 362 24.35 1.73 1.43
C ASP B 362 25.73 2.22 0.98
N LYS B 363 25.79 3.12 -0.01
CA LYS B 363 27.06 3.73 -0.39
C LYS B 363 27.68 4.46 0.79
N VAL B 364 26.88 5.25 1.51
CA VAL B 364 27.39 6.04 2.64
C VAL B 364 28.02 5.13 3.68
N LEU B 365 27.34 4.02 4.00
CA LEU B 365 27.85 3.08 5.00
C LEU B 365 29.12 2.39 4.56
N SER B 366 29.48 2.45 3.29
CA SER B 366 30.77 2.01 2.78
C SER B 366 31.80 3.15 2.69
N GLU B 367 31.43 4.36 3.10
CA GLU B 367 32.33 5.50 3.08
C GLU B 367 33.17 5.53 4.35
N GLU B 368 34.05 6.52 4.42
CA GLU B 368 34.85 6.77 5.62
C GLU B 368 33.95 6.91 6.84
N GLN B 369 34.37 6.28 7.94
CA GLN B 369 33.61 6.37 9.17
C GLN B 369 33.25 7.82 9.43
N SER B 370 31.95 8.11 9.37
CA SER B 370 31.50 9.47 9.57
C SER B 370 31.99 9.96 10.92
N PRO B 371 32.43 11.21 11.02
CA PRO B 371 32.95 11.69 12.29
C PRO B 371 31.91 11.54 13.38
N PRO B 372 32.33 11.25 14.60
CA PRO B 372 31.35 11.13 15.69
C PRO B 372 30.59 12.43 15.86
N ASP B 373 29.32 12.30 16.25
CA ASP B 373 28.41 13.41 16.47
C ASP B 373 28.12 14.22 15.22
N SER B 374 28.45 13.70 14.03
CA SER B 374 28.08 14.39 12.81
C SER B 374 26.62 14.13 12.48
N TYR B 375 25.95 15.13 11.92
CA TYR B 375 24.54 15.04 11.59
C TYR B 375 24.36 14.86 10.10
N GLY B 376 23.30 14.14 9.73
CA GLY B 376 22.99 13.91 8.35
C GLY B 376 21.50 14.03 8.14
N LEU B 377 21.12 14.25 6.88
CA LEU B 377 19.73 14.43 6.51
C LEU B 377 19.45 13.60 5.27
N ILE B 378 18.47 12.71 5.39
CA ILE B 378 17.87 12.05 4.23
C ILE B 378 16.66 12.86 3.80
N VAL B 379 16.57 13.17 2.51
CA VAL B 379 15.45 13.91 1.95
C VAL B 379 14.94 13.15 0.73
N ALA B 380 13.62 12.97 0.65
CA ALA B 380 13.07 12.38 -0.56
C ALA B 380 11.70 13.00 -0.85
N MET B 381 11.37 13.06 -2.12
CA MET B 381 10.14 13.68 -2.60
C MET B 381 9.40 12.69 -3.48
N GLY B 382 8.07 12.77 -3.47
CA GLY B 382 7.30 11.86 -4.28
C GLY B 382 5.85 12.31 -4.43
N PRO B 383 5.01 11.41 -4.94
CA PRO B 383 3.60 11.77 -5.17
C PRO B 383 2.93 12.31 -3.91
N GLY B 384 2.03 13.27 -4.13
CA GLY B 384 1.24 13.91 -3.09
C GLY B 384 0.91 15.38 -3.36
N LEU B 385 1.83 16.25 -3.77
CA LEU B 385 3.27 16.06 -3.73
C LEU B 385 3.80 16.06 -2.30
N ALA B 386 4.56 15.04 -1.93
CA ALA B 386 4.94 14.83 -0.53
C ALA B 386 6.46 14.82 -0.39
N GLN B 387 6.92 15.21 0.79
CA GLN B 387 8.35 15.18 1.06
C GLN B 387 8.59 14.58 2.43
N GLU B 388 9.70 13.87 2.55
CA GLU B 388 10.07 13.24 3.80
C GLU B 388 11.50 13.60 4.13
N ALA B 389 11.75 13.96 5.39
CA ALA B 389 13.09 14.31 5.85
C ALA B 389 13.37 13.54 7.12
N ILE B 390 14.57 12.99 7.22
CA ILE B 390 14.98 12.18 8.36
C ILE B 390 16.31 12.73 8.86
N LEU B 391 16.38 12.99 10.16
CA LEU B 391 17.58 13.51 10.80
C LEU B 391 18.40 12.35 11.39
N LEU B 392 19.62 12.20 10.92
CA LEU B 392 20.55 11.18 11.40
C LEU B 392 21.66 11.81 12.22
N LYS B 393 22.18 11.06 13.19
CA LYS B 393 23.36 11.43 13.95
C LYS B 393 24.27 10.22 14.10
N TRP B 394 25.55 10.39 13.74
CA TRP B 394 26.55 9.32 13.83
C TRP B 394 27.34 9.36 15.14
C10 A1D7F C . -9.35 -2.57 -8.30
C13 A1D7F C . -7.24 -3.68 -9.25
C15 A1D7F C . -4.94 -2.85 -9.95
C17 A1D7F C . -3.07 -2.45 -8.34
C01 A1D7F C . -10.33 -2.23 -5.06
C02 A1D7F C . -11.33 -2.29 -4.10
C03 A1D7F C . -12.06 -3.48 -3.97
C04 A1D7F C . -11.79 -4.57 -4.82
C05 A1D7F C . -10.79 -4.46 -5.79
C06 A1D7F C . -10.07 -3.28 -5.91
C09 A1D7F C . -8.94 -3.11 -6.93
C11 A1D7F C . -8.10 -2.42 -9.18
C12 A1D7F C . -10.11 -1.24 -8.22
C14 A1D7F C . -5.79 -3.46 -8.83
C16 A1D7F C . -3.92 -1.83 -9.44
O07 A1D7F C . -11.50 -1.13 -3.32
O08 A1D7F C . -12.51 -5.79 -4.72
CL21 A1D7F C . -2.84 -1.30 -10.74
#